data_6J38
#
_entry.id   6J38
#
_cell.length_a   59.370
_cell.length_b   83.620
_cell.length_c   89.960
_cell.angle_alpha   90.00
_cell.angle_beta   96.95
_cell.angle_gamma   90.00
#
_symmetry.space_group_name_H-M   'P 1 21 1'
#
loop_
_entity.id
_entity.type
_entity.pdbx_description
1 polymer 'FAD-dependent glycine oxydase'
2 non-polymer 'FLAVIN-ADENINE DINUCLEOTIDE'
3 water water
#
_entity_poly.entity_id   1
_entity_poly.type   'polypeptide(L)'
_entity_poly.pdbx_seq_one_letter_code
;MGSSHHHHHHSSGLVPRGSHMHVVVVGGGVIGLSVAWQALERGLRVTVVDPEPASKASHVSAGMLPAANEMLYSQEDLLR
LCLASRERYPSFVKELEAVSGTSAGYRRDGVLDAAFDDESLAALDGLRNFLAPLGVAVAPLNARRCREHEPMLAESVRGG
LLGPDDGAVNPRELTAALLAAIDVRGGTLIRRRATEFLADERTPGVLLENGCAVHGDRVVLSAGCWTHRLAGLPAGAVPE
IAPAKGQILRLRSAAPFLRRATRAVTRGSGVYLVPRTDGELVVGATYEERDYDTTVTAGGVAELLGKVLAVLPGAAELEL
AETAAGLRPGSPDGLPVLGWTAVPNLLVATGHSRIGVQLAPITADVMGEMLVTGRTPEVAKAFAVDRFAATAAAG
;
_entity_poly.pdbx_strand_id   A,B
#
loop_
_chem_comp.id
_chem_comp.type
_chem_comp.name
_chem_comp.formula
FAD non-polymer 'FLAVIN-ADENINE DINUCLEOTIDE' 'C27 H33 N9 O15 P2'
#
# COMPACT_ATOMS: atom_id res chain seq x y z
N MET A 21 -19.56 10.71 1.13
CA MET A 21 -18.87 11.91 0.55
C MET A 21 -18.93 11.89 -0.97
N HIS A 22 -18.85 13.09 -1.54
CA HIS A 22 -18.98 13.31 -2.98
C HIS A 22 -17.69 13.84 -3.58
N VAL A 23 -17.20 13.17 -4.61
CA VAL A 23 -16.00 13.58 -5.31
C VAL A 23 -16.32 13.94 -6.75
N VAL A 24 -15.89 15.14 -7.16
CA VAL A 24 -15.99 15.58 -8.54
C VAL A 24 -14.68 15.31 -9.27
N VAL A 25 -14.74 14.49 -10.32
CA VAL A 25 -13.58 14.20 -11.16
C VAL A 25 -13.67 15.01 -12.44
N VAL A 26 -12.69 15.90 -12.63
CA VAL A 26 -12.59 16.73 -13.81
C VAL A 26 -11.73 16.04 -14.86
N GLY A 27 -12.36 15.62 -15.94
CA GLY A 27 -11.66 14.92 -17.04
C GLY A 27 -11.87 13.43 -16.90
N GLY A 28 -12.27 12.79 -18.01
CA GLY A 28 -12.71 11.37 -18.02
C GLY A 28 -12.03 10.57 -19.11
N GLY A 29 -10.71 10.64 -19.15
CA GLY A 29 -9.94 9.70 -19.94
C GLY A 29 -9.73 8.46 -19.09
N VAL A 30 -8.79 7.63 -19.47
CA VAL A 30 -8.55 6.42 -18.72
C VAL A 30 -8.25 6.70 -17.26
N ILE A 31 -7.62 7.85 -16.96
CA ILE A 31 -7.20 8.18 -15.59
C ILE A 31 -8.32 8.72 -14.72
N GLY A 32 -9.19 9.59 -15.18
CA GLY A 32 -10.31 9.95 -14.33
C GLY A 32 -11.41 8.78 -14.31
N LEU A 33 -11.51 7.99 -15.37
CA LEU A 33 -12.68 6.93 -15.43
C LEU A 33 -12.42 5.81 -14.46
N SER A 34 -11.29 5.15 -14.61
CA SER A 34 -10.66 4.37 -13.50
C SER A 34 -10.70 4.97 -12.11
N VAL A 35 -10.22 6.23 -11.92
CA VAL A 35 -10.27 6.83 -10.60
C VAL A 35 -11.70 6.92 -10.12
N ALA A 36 -12.54 7.50 -10.96
CA ALA A 36 -13.96 7.60 -10.60
C ALA A 36 -14.61 6.22 -10.29
N TRP A 37 -14.25 5.19 -11.04
CA TRP A 37 -14.82 3.85 -10.85
C TRP A 37 -14.43 3.30 -9.50
N GLN A 38 -13.17 3.45 -9.13
CA GLN A 38 -12.70 2.88 -7.86
C GLN A 38 -13.27 3.63 -6.68
N ALA A 39 -13.38 4.94 -6.82
CA ALA A 39 -14.03 5.78 -5.80
C ALA A 39 -15.46 5.31 -5.53
N LEU A 40 -16.19 4.96 -6.58
CA LEU A 40 -17.54 4.36 -6.42
C LEU A 40 -17.47 3.00 -5.76
N GLU A 41 -16.53 2.18 -6.21
CA GLU A 41 -16.33 0.85 -5.61
C GLU A 41 -16.05 0.93 -4.11
N ARG A 42 -15.48 2.05 -3.66
CA ARG A 42 -15.22 2.27 -2.24
C ARG A 42 -16.39 3.01 -1.60
N GLY A 43 -17.58 2.97 -2.20
CA GLY A 43 -18.76 3.63 -1.63
C GLY A 43 -18.80 5.17 -1.66
N LEU A 44 -17.87 5.84 -2.33
CA LEU A 44 -18.03 7.27 -2.57
C LEU A 44 -19.07 7.56 -3.66
N ARG A 45 -19.69 8.71 -3.57
CA ARG A 45 -20.54 9.22 -4.62
C ARG A 45 -19.64 10.04 -5.56
N VAL A 46 -19.85 9.92 -6.86
CA VAL A 46 -18.90 10.44 -7.85
C VAL A 46 -19.55 11.14 -9.05
N THR A 47 -19.03 12.33 -9.38
CA THR A 47 -19.41 13.02 -10.61
C THR A 47 -18.18 13.20 -11.52
N VAL A 48 -18.29 12.76 -12.76
CA VAL A 48 -17.24 12.97 -13.75
C VAL A 48 -17.66 14.09 -14.72
N VAL A 49 -16.86 15.17 -14.80
CA VAL A 49 -17.08 16.25 -15.75
C VAL A 49 -16.10 16.11 -16.94
N ASP A 50 -16.64 15.94 -18.15
CA ASP A 50 -15.85 15.82 -19.38
C ASP A 50 -16.82 15.92 -20.55
N PRO A 51 -16.61 16.89 -21.44
CA PRO A 51 -17.55 17.02 -22.57
C PRO A 51 -17.61 15.81 -23.53
N GLU A 52 -16.52 15.07 -23.62
CA GLU A 52 -16.46 13.91 -24.51
C GLU A 52 -15.44 12.96 -23.91
N PRO A 53 -15.89 12.14 -22.96
CA PRO A 53 -15.05 11.17 -22.27
C PRO A 53 -14.24 10.29 -23.19
N ALA A 54 -13.04 9.92 -22.78
CA ALA A 54 -12.22 8.92 -23.50
C ALA A 54 -11.99 9.28 -24.97
N SER A 55 -11.91 10.58 -25.25
CA SER A 55 -11.78 11.08 -26.61
C SER A 55 -10.37 11.51 -27.03
N LYS A 56 -9.45 11.60 -26.09
CA LYS A 56 -8.15 12.20 -26.39
C LYS A 56 -7.03 11.17 -26.41
N ALA A 57 -5.98 11.41 -25.62
CA ALA A 57 -4.84 10.50 -25.61
C ALA A 57 -5.31 9.08 -25.41
N SER A 58 -6.27 8.89 -24.49
CA SER A 58 -6.82 7.58 -24.18
C SER A 58 -7.51 6.92 -25.38
N HIS A 59 -8.09 7.71 -26.26
CA HIS A 59 -8.67 7.19 -27.49
C HIS A 59 -7.65 6.62 -28.49
N VAL A 60 -6.54 7.33 -28.70
CA VAL A 60 -5.55 6.92 -29.69
C VAL A 60 -4.55 5.92 -29.16
N SER A 61 -4.44 5.83 -27.84
CA SER A 61 -3.43 5.04 -27.17
C SER A 61 -3.36 3.59 -27.63
N ALA A 62 -2.17 3.01 -27.58
CA ALA A 62 -1.95 1.66 -28.05
C ALA A 62 -2.32 0.61 -27.02
N GLY A 63 -2.13 0.93 -25.74
CA GLY A 63 -2.47 -0.04 -24.70
C GLY A 63 -1.46 -1.15 -24.44
N MET A 64 -0.20 -0.92 -24.82
CA MET A 64 0.89 -1.81 -24.44
C MET A 64 1.09 -1.74 -22.93
N LEU A 65 1.26 -2.91 -22.31
CA LEU A 65 1.40 -3.03 -20.86
C LEU A 65 2.73 -3.70 -20.56
N PRO A 66 3.82 -2.98 -20.86
CA PRO A 66 5.13 -3.59 -20.72
C PRO A 66 5.57 -3.41 -19.28
N ALA A 67 6.25 -4.41 -18.74
CA ALA A 67 6.81 -4.35 -17.39
C ALA A 67 7.58 -3.05 -17.12
N ALA A 68 8.61 -2.85 -17.94
CA ALA A 68 9.67 -1.91 -17.64
C ALA A 68 10.43 -1.65 -18.91
N ASN A 69 11.43 -0.78 -18.83
CA ASN A 69 12.23 -0.44 -20.00
C ASN A 69 13.42 0.41 -19.59
N GLU A 70 14.25 0.76 -20.58
CA GLU A 70 15.33 1.73 -20.45
C GLU A 70 14.91 2.99 -19.67
N MET A 71 13.65 3.40 -19.82
CA MET A 71 13.18 4.67 -19.23
C MET A 71 13.13 4.61 -17.69
N LEU A 72 12.85 3.44 -17.15
CA LEU A 72 12.79 3.22 -15.71
C LEU A 72 14.15 2.87 -15.09
N TYR A 73 15.17 2.63 -15.90
CA TYR A 73 16.46 2.25 -15.35
C TYR A 73 16.85 3.15 -14.17
N SER A 74 16.83 4.47 -14.39
CA SER A 74 17.28 5.43 -13.38
C SER A 74 16.11 6.08 -12.61
N GLN A 75 15.08 5.29 -12.31
CA GLN A 75 13.82 5.80 -11.75
C GLN A 75 13.13 4.74 -10.90
N GLU A 76 13.67 4.49 -9.71
CA GLU A 76 13.23 3.37 -8.90
C GLU A 76 11.77 3.55 -8.48
N ASP A 77 11.37 4.78 -8.15
CA ASP A 77 10.02 5.06 -7.66
C ASP A 77 8.96 4.72 -8.70
N LEU A 78 9.17 5.17 -9.93
CA LEU A 78 8.23 4.93 -11.02
C LEU A 78 8.12 3.45 -11.34
N LEU A 79 9.26 2.78 -11.32
CA LEU A 79 9.33 1.36 -11.54
C LEU A 79 8.43 0.64 -10.55
N ARG A 80 8.56 1.04 -9.29
CA ARG A 80 7.77 0.45 -8.22
C ARG A 80 6.28 0.71 -8.46
N LEU A 81 5.94 1.92 -8.90
CA LEU A 81 4.57 2.23 -9.26
C LEU A 81 4.08 1.34 -10.41
N CYS A 82 4.91 1.13 -11.43
CA CYS A 82 4.50 0.33 -12.58
C CYS A 82 4.31 -1.13 -12.23
N LEU A 83 5.23 -1.68 -11.44
CA LEU A 83 5.14 -3.08 -11.05
C LEU A 83 3.91 -3.33 -10.19
N ALA A 84 3.53 -2.33 -9.41
CA ALA A 84 2.34 -2.46 -8.60
C ALA A 84 1.11 -2.44 -9.50
N SER A 85 1.09 -1.52 -10.47
CA SER A 85 -0.04 -1.49 -11.41
C SER A 85 -0.10 -2.79 -12.19
N ARG A 86 1.07 -3.31 -12.53
CA ARG A 86 1.18 -4.56 -13.25
C ARG A 86 0.56 -5.71 -12.44
N GLU A 87 0.90 -5.77 -11.16
CA GLU A 87 0.41 -6.81 -10.26
C GLU A 87 -1.11 -6.77 -10.18
N ARG A 88 -1.64 -5.55 -10.14
CA ARG A 88 -3.06 -5.26 -9.98
C ARG A 88 -3.89 -5.41 -11.25
N TYR A 89 -3.28 -5.28 -12.42
CA TYR A 89 -4.02 -5.23 -13.68
C TYR A 89 -5.03 -6.42 -13.82
N PRO A 90 -4.57 -7.67 -13.63
CA PRO A 90 -5.47 -8.81 -13.83
C PRO A 90 -6.74 -8.73 -12.99
N SER A 91 -6.60 -8.50 -11.68
CA SER A 91 -7.77 -8.38 -10.80
C SER A 91 -8.63 -7.14 -11.06
N PHE A 92 -7.98 -6.04 -11.45
CA PHE A 92 -8.68 -4.82 -11.85
C PHE A 92 -9.62 -5.12 -13.01
N VAL A 93 -9.10 -5.81 -14.01
CA VAL A 93 -9.89 -6.12 -15.19
C VAL A 93 -11.05 -7.08 -14.86
N LYS A 94 -10.74 -8.12 -14.09
CA LYS A 94 -11.74 -9.08 -13.61
C LYS A 94 -12.90 -8.35 -12.96
N GLU A 95 -12.56 -7.48 -12.01
CA GLU A 95 -13.57 -6.75 -11.23
C GLU A 95 -14.39 -5.83 -12.12
N LEU A 96 -13.74 -5.26 -13.13
CA LEU A 96 -14.38 -4.31 -14.03
C LEU A 96 -15.36 -4.94 -14.98
N GLU A 97 -14.95 -6.07 -15.57
CA GLU A 97 -15.84 -6.85 -16.44
C GLU A 97 -17.07 -7.36 -15.68
N ALA A 98 -16.84 -7.81 -14.45
CA ALA A 98 -17.92 -8.28 -13.59
C ALA A 98 -18.98 -7.20 -13.36
N VAL A 99 -18.55 -6.02 -12.94
CA VAL A 99 -19.46 -4.89 -12.75
C VAL A 99 -20.13 -4.46 -14.06
N SER A 100 -19.42 -4.55 -15.18
CA SER A 100 -19.86 -3.88 -16.40
C SER A 100 -20.56 -4.81 -17.37
N GLY A 101 -20.34 -6.12 -17.23
CA GLY A 101 -20.86 -7.10 -18.16
C GLY A 101 -20.33 -6.91 -19.56
N THR A 102 -19.13 -6.33 -19.65
CA THR A 102 -18.55 -5.85 -20.91
C THR A 102 -17.11 -6.34 -20.95
N SER A 103 -16.52 -6.39 -22.14
CA SER A 103 -15.11 -6.75 -22.22
C SER A 103 -14.20 -5.49 -22.20
N ALA A 104 -13.07 -5.61 -21.53
CA ALA A 104 -12.07 -4.54 -21.52
C ALA A 104 -10.96 -4.80 -22.54
N GLY A 105 -10.97 -5.98 -23.15
CA GLY A 105 -10.01 -6.30 -24.20
C GLY A 105 -8.60 -6.40 -23.65
N TYR A 106 -8.46 -7.13 -22.55
CA TYR A 106 -7.16 -7.37 -21.94
C TYR A 106 -6.68 -8.75 -22.36
N ARG A 107 -5.54 -8.80 -23.04
CA ARG A 107 -4.93 -10.04 -23.46
C ARG A 107 -3.68 -10.31 -22.63
N ARG A 108 -3.60 -11.51 -22.07
CA ARG A 108 -2.39 -11.95 -21.42
C ARG A 108 -1.82 -13.13 -22.17
N ASP A 109 -1.25 -12.89 -23.34
CA ASP A 109 -0.62 -13.95 -24.10
C ASP A 109 0.87 -13.77 -24.06
N GLY A 110 1.34 -12.86 -23.24
CA GLY A 110 2.76 -12.53 -23.20
C GLY A 110 3.14 -11.45 -24.19
N VAL A 111 4.30 -10.84 -23.97
CA VAL A 111 4.83 -9.77 -24.80
C VAL A 111 6.18 -10.17 -25.38
N LEU A 112 6.32 -10.09 -26.70
CA LEU A 112 7.59 -10.41 -27.37
C LEU A 112 8.45 -9.14 -27.59
N ASP A 113 9.67 -9.14 -27.08
CA ASP A 113 10.63 -8.04 -27.30
C ASP A 113 11.67 -8.55 -28.30
N ALA A 114 11.65 -8.02 -29.54
CA ALA A 114 12.54 -8.51 -30.63
C ALA A 114 13.58 -7.48 -31.03
N ALA A 115 14.80 -7.94 -31.29
CA ALA A 115 15.95 -7.07 -31.61
C ALA A 115 16.50 -7.45 -32.98
N PHE A 116 17.03 -6.46 -33.70
CA PHE A 116 17.39 -6.62 -35.12
C PHE A 116 18.82 -6.20 -35.47
N ASP A 117 19.58 -5.73 -34.50
CA ASP A 117 20.98 -5.41 -34.71
C ASP A 117 21.76 -5.54 -33.39
N ASP A 118 23.08 -5.36 -33.45
CA ASP A 118 23.94 -5.52 -32.26
C ASP A 118 23.50 -4.64 -31.12
N GLU A 119 23.30 -3.37 -31.45
CA GLU A 119 22.85 -2.35 -30.53
C GLU A 119 21.63 -2.87 -29.74
N SER A 120 20.59 -3.29 -30.45
CA SER A 120 19.34 -3.71 -29.80
C SER A 120 19.47 -5.04 -29.06
N LEU A 121 20.25 -5.97 -29.61
CA LEU A 121 20.46 -7.28 -28.97
C LEU A 121 21.20 -7.14 -27.63
N ALA A 122 22.09 -6.16 -27.55
CA ALA A 122 22.81 -5.85 -26.29
C ALA A 122 21.88 -5.23 -25.26
N ALA A 123 20.98 -4.36 -25.71
CA ALA A 123 20.02 -3.71 -24.82
C ALA A 123 19.10 -4.75 -24.20
N LEU A 124 18.86 -5.85 -24.91
CA LEU A 124 18.05 -6.93 -24.35
C LEU A 124 18.75 -7.61 -23.17
N ASP A 125 20.05 -7.88 -23.32
CA ASP A 125 20.85 -8.41 -22.21
C ASP A 125 20.71 -7.52 -20.98
N GLY A 126 20.93 -6.23 -21.17
CA GLY A 126 20.75 -5.26 -20.09
C GLY A 126 19.34 -5.32 -19.51
N LEU A 127 18.35 -5.37 -20.37
CA LEU A 127 16.96 -5.43 -19.95
C LEU A 127 16.64 -6.71 -19.15
N ARG A 128 17.20 -7.84 -19.58
CA ARG A 128 16.94 -9.12 -18.89
C ARG A 128 17.54 -9.13 -17.49
N ASN A 129 18.72 -8.53 -17.35
CA ASN A 129 19.37 -8.34 -16.06
C ASN A 129 18.61 -7.37 -15.17
N PHE A 130 18.01 -6.35 -15.78
CA PHE A 130 17.25 -5.35 -15.03
C PHE A 130 15.97 -5.94 -14.44
N LEU A 131 15.46 -7.01 -15.03
CA LEU A 131 14.13 -7.55 -14.71
C LEU A 131 14.13 -8.83 -13.87
N ALA A 132 15.28 -9.50 -13.81
CA ALA A 132 15.39 -10.74 -13.05
C ALA A 132 15.18 -10.52 -11.56
N PRO A 133 15.87 -9.54 -10.97
CA PRO A 133 15.68 -9.25 -9.54
C PRO A 133 14.25 -8.88 -9.12
N LEU A 134 13.46 -8.35 -10.05
CA LEU A 134 12.14 -7.79 -9.72
C LEU A 134 10.98 -8.78 -9.91
N GLY A 135 11.29 -10.05 -10.18
CA GLY A 135 10.26 -11.10 -10.25
C GLY A 135 9.37 -11.00 -11.47
N VAL A 136 10.00 -10.68 -12.60
CA VAL A 136 9.33 -10.56 -13.87
C VAL A 136 9.83 -11.73 -14.71
N ALA A 137 8.92 -12.60 -15.09
CA ALA A 137 9.27 -13.70 -15.98
C ALA A 137 9.81 -13.10 -17.29
N VAL A 138 10.97 -13.58 -17.73
CA VAL A 138 11.61 -13.15 -18.96
C VAL A 138 12.43 -14.31 -19.52
N ALA A 139 12.01 -14.84 -20.66
CA ALA A 139 12.70 -15.97 -21.28
C ALA A 139 13.52 -15.49 -22.48
N PRO A 140 14.84 -15.64 -22.43
CA PRO A 140 15.63 -15.23 -23.59
C PRO A 140 15.35 -16.15 -24.76
N LEU A 141 15.35 -15.58 -25.96
CA LEU A 141 15.11 -16.30 -27.20
C LEU A 141 16.20 -15.97 -28.20
N ASN A 142 16.78 -16.99 -28.84
CA ASN A 142 17.72 -16.72 -29.92
C ASN A 142 16.94 -16.39 -31.18
N ALA A 143 17.63 -15.85 -32.18
CA ALA A 143 17.02 -15.55 -33.48
C ALA A 143 16.01 -16.60 -33.97
N ARG A 144 16.37 -17.86 -33.87
CA ARG A 144 15.48 -18.94 -34.33
C ARG A 144 14.19 -19.00 -33.52
N ARG A 145 14.34 -18.99 -32.20
CA ARG A 145 13.18 -19.05 -31.30
C ARG A 145 12.25 -17.87 -31.50
N CYS A 146 12.84 -16.70 -31.76
CA CYS A 146 12.06 -15.51 -32.12
C CYS A 146 11.17 -15.82 -33.32
N ARG A 147 11.75 -16.33 -34.38
CA ARG A 147 10.98 -16.59 -35.59
C ARG A 147 9.91 -17.68 -35.38
N GLU A 148 10.14 -18.59 -34.45
CA GLU A 148 9.15 -19.63 -34.15
C GLU A 148 7.96 -19.06 -33.38
N HIS A 149 8.22 -18.08 -32.51
CA HIS A 149 7.15 -17.40 -31.77
C HIS A 149 6.37 -16.42 -32.62
N GLU A 150 7.08 -15.77 -33.56
CA GLU A 150 6.45 -14.85 -34.48
C GLU A 150 7.03 -15.02 -35.90
N PRO A 151 6.41 -15.91 -36.70
CA PRO A 151 6.82 -16.16 -38.10
C PRO A 151 6.92 -14.92 -38.98
N MET A 152 6.15 -13.88 -38.69
CA MET A 152 6.13 -12.69 -39.54
C MET A 152 7.29 -11.72 -39.31
N LEU A 153 8.18 -12.02 -38.36
CA LEU A 153 9.35 -11.18 -38.15
C LEU A 153 10.26 -11.34 -39.34
N ALA A 154 11.01 -10.29 -39.64
CA ALA A 154 11.97 -10.32 -40.73
C ALA A 154 13.10 -11.26 -40.36
N GLU A 155 13.70 -11.91 -41.35
CA GLU A 155 14.75 -12.91 -41.12
C GLU A 155 16.03 -12.25 -40.51
N SER A 156 16.10 -10.93 -40.48
CA SER A 156 17.22 -10.22 -39.84
C SER A 156 17.14 -10.18 -38.32
N VAL A 157 16.10 -10.78 -37.74
CA VAL A 157 15.95 -10.79 -36.29
C VAL A 157 17.13 -11.51 -35.66
N ARG A 158 17.69 -10.91 -34.61
CA ARG A 158 18.91 -11.37 -33.98
C ARG A 158 18.70 -12.06 -32.62
N GLY A 159 17.49 -12.00 -32.10
CA GLY A 159 17.14 -12.63 -30.82
C GLY A 159 16.18 -11.76 -30.02
N GLY A 160 15.56 -12.35 -29.00
CA GLY A 160 14.57 -11.63 -28.22
C GLY A 160 14.41 -12.04 -26.78
N LEU A 161 13.38 -11.48 -26.15
CA LEU A 161 12.96 -11.84 -24.80
C LEU A 161 11.47 -12.08 -24.86
N LEU A 162 10.99 -13.06 -24.14
CA LEU A 162 9.56 -13.26 -24.04
C LEU A 162 9.15 -12.96 -22.60
N GLY A 163 8.13 -12.12 -22.44
CA GLY A 163 7.53 -11.87 -21.14
C GLY A 163 6.16 -12.53 -21.07
N PRO A 164 6.11 -13.83 -20.76
CA PRO A 164 4.87 -14.62 -20.85
C PRO A 164 3.71 -14.15 -19.97
N ASP A 165 4.00 -13.44 -18.88
CA ASP A 165 2.95 -12.97 -17.98
C ASP A 165 2.44 -11.57 -18.28
N ASP A 166 3.04 -10.91 -19.27
CA ASP A 166 2.64 -9.57 -19.64
C ASP A 166 1.67 -9.62 -20.78
N GLY A 167 1.14 -8.47 -21.16
CA GLY A 167 0.15 -8.41 -22.22
C GLY A 167 -0.10 -7.02 -22.71
N ALA A 168 -1.35 -6.79 -23.10
CA ALA A 168 -1.78 -5.53 -23.67
C ALA A 168 -3.27 -5.40 -23.54
N VAL A 169 -3.76 -4.18 -23.48
CA VAL A 169 -5.19 -3.94 -23.39
C VAL A 169 -5.59 -3.09 -24.57
N ASN A 170 -6.88 -3.15 -24.93
CA ASN A 170 -7.48 -2.21 -25.88
C ASN A 170 -8.13 -1.06 -25.12
N PRO A 171 -7.50 0.11 -25.12
CA PRO A 171 -7.99 1.21 -24.29
C PRO A 171 -9.40 1.63 -24.62
N ARG A 172 -9.79 1.47 -25.86
CA ARG A 172 -11.12 1.80 -26.28
C ARG A 172 -12.12 0.90 -25.58
N GLU A 173 -11.80 -0.38 -25.46
CA GLU A 173 -12.69 -1.30 -24.74
C GLU A 173 -12.59 -1.08 -23.24
N LEU A 174 -11.39 -0.78 -22.76
CA LEU A 174 -11.20 -0.49 -21.35
C LEU A 174 -12.02 0.74 -20.88
N THR A 175 -12.05 1.80 -21.68
CA THR A 175 -12.80 2.99 -21.26
C THR A 175 -14.32 2.75 -21.39
N ALA A 176 -14.74 2.05 -22.45
CA ALA A 176 -16.15 1.67 -22.58
C ALA A 176 -16.64 0.92 -21.33
N ALA A 177 -15.84 -0.04 -20.85
CA ALA A 177 -16.20 -0.77 -19.62
C ALA A 177 -16.23 0.17 -18.42
N LEU A 178 -15.17 0.98 -18.23
CA LEU A 178 -15.15 1.93 -17.14
C LEU A 178 -16.40 2.76 -17.17
N LEU A 179 -16.77 3.26 -18.33
CA LEU A 179 -18.02 4.05 -18.42
C LEU A 179 -19.28 3.23 -18.03
N ALA A 180 -19.31 1.96 -18.43
CA ALA A 180 -20.47 1.11 -18.16
C ALA A 180 -20.51 0.89 -16.67
N ALA A 181 -19.34 0.66 -16.07
CA ALA A 181 -19.29 0.30 -14.66
C ALA A 181 -19.72 1.47 -13.78
N ILE A 182 -19.17 2.65 -14.09
CA ILE A 182 -19.53 3.87 -13.43
C ILE A 182 -21.04 4.09 -13.48
N ASP A 183 -21.63 3.74 -14.61
CA ASP A 183 -23.07 3.91 -14.73
C ASP A 183 -23.76 2.99 -13.74
N VAL A 184 -23.45 1.71 -13.85
CA VAL A 184 -24.05 0.66 -13.04
C VAL A 184 -24.00 1.04 -11.56
N ARG A 185 -22.91 1.65 -11.11
CA ARG A 185 -22.78 2.04 -9.69
C ARG A 185 -23.36 3.41 -9.37
N GLY A 186 -24.07 4.02 -10.30
CA GLY A 186 -24.78 5.26 -10.03
C GLY A 186 -23.92 6.50 -10.00
N GLY A 187 -22.72 6.43 -10.57
CA GLY A 187 -21.90 7.63 -10.78
C GLY A 187 -22.59 8.48 -11.83
N THR A 188 -22.46 9.80 -11.71
CA THR A 188 -23.03 10.74 -12.66
C THR A 188 -21.98 11.17 -13.68
N LEU A 189 -22.38 11.22 -14.95
CA LEU A 189 -21.53 11.75 -16.01
C LEU A 189 -22.13 13.06 -16.53
N ILE A 190 -21.45 14.17 -16.35
CA ILE A 190 -21.87 15.44 -16.96
C ILE A 190 -21.00 15.75 -18.18
N ARG A 191 -21.61 15.71 -19.36
CA ARG A 191 -20.90 15.93 -20.60
C ARG A 191 -20.81 17.44 -20.92
N ARG A 192 -20.15 18.17 -20.03
CA ARG A 192 -19.82 19.57 -20.28
C ARG A 192 -18.38 19.87 -19.84
N ARG A 193 -17.81 20.90 -20.43
CA ARG A 193 -16.48 21.39 -20.09
C ARG A 193 -16.52 22.12 -18.73
N ALA A 194 -15.58 21.79 -17.86
CA ALA A 194 -15.33 22.61 -16.68
C ALA A 194 -14.59 23.86 -17.13
N THR A 195 -15.22 25.02 -16.99
CA THR A 195 -14.60 26.29 -17.41
C THR A 195 -13.84 27.03 -16.33
N GLU A 196 -14.07 26.68 -15.07
CA GLU A 196 -13.46 27.41 -13.96
C GLU A 196 -13.45 26.60 -12.68
N PHE A 197 -12.41 26.77 -11.88
CA PHE A 197 -12.38 26.19 -10.55
C PHE A 197 -12.88 27.23 -9.54
N LEU A 198 -13.80 26.82 -8.67
CA LEU A 198 -14.38 27.68 -7.66
C LEU A 198 -13.63 27.43 -6.35
N ALA A 199 -12.79 28.39 -5.99
CA ALA A 199 -11.89 28.29 -4.83
C ALA A 199 -12.52 28.93 -3.58
N ASP A 200 -11.79 28.86 -2.48
CA ASP A 200 -12.09 29.63 -1.25
C ASP A 200 -13.54 29.50 -0.75
N GLU A 201 -14.13 28.32 -0.86
CA GLU A 201 -15.46 28.07 -0.25
C GLU A 201 -15.37 26.88 0.69
N ARG A 202 -16.37 26.71 1.54
CA ARG A 202 -16.37 25.58 2.45
C ARG A 202 -15.93 24.34 1.69
N THR A 203 -16.51 24.14 0.50
CA THR A 203 -16.14 23.02 -0.36
C THR A 203 -15.72 23.49 -1.73
N PRO A 204 -14.86 22.72 -2.42
CA PRO A 204 -14.46 23.00 -3.80
C PRO A 204 -15.47 22.59 -4.84
N GLY A 205 -15.44 23.26 -5.98
CA GLY A 205 -16.28 22.90 -7.12
C GLY A 205 -15.77 23.47 -8.42
N VAL A 206 -16.56 23.24 -9.49
CA VAL A 206 -16.26 23.79 -10.80
C VAL A 206 -17.49 24.43 -11.43
N LEU A 207 -17.22 25.48 -12.19
CA LEU A 207 -18.20 26.10 -13.06
C LEU A 207 -18.13 25.37 -14.38
N LEU A 208 -19.29 25.15 -14.97
CA LEU A 208 -19.38 24.52 -16.26
C LEU A 208 -19.63 25.59 -17.32
N GLU A 209 -19.36 25.23 -18.58
CA GLU A 209 -19.56 26.16 -19.70
C GLU A 209 -21.01 26.64 -19.85
N ASN A 210 -21.97 25.81 -19.45
CA ASN A 210 -23.39 26.20 -19.49
C ASN A 210 -23.88 27.01 -18.30
N GLY A 211 -22.97 27.39 -17.40
CA GLY A 211 -23.28 28.28 -16.27
C GLY A 211 -23.65 27.58 -14.97
N CYS A 212 -24.13 26.33 -15.05
CA CYS A 212 -24.35 25.52 -13.85
C CYS A 212 -23.05 25.21 -13.09
N ALA A 213 -23.18 24.96 -11.79
CA ALA A 213 -22.04 24.67 -10.95
C ALA A 213 -22.15 23.29 -10.30
N VAL A 214 -20.99 22.73 -9.97
CA VAL A 214 -20.92 21.45 -9.30
C VAL A 214 -19.86 21.50 -8.23
N HIS A 215 -20.29 21.48 -6.97
CA HIS A 215 -19.37 21.31 -5.85
C HIS A 215 -19.37 19.87 -5.34
N GLY A 216 -18.30 19.53 -4.64
CA GLY A 216 -18.19 18.25 -3.96
C GLY A 216 -17.34 18.41 -2.73
N ASP A 217 -17.24 17.34 -1.96
CA ASP A 217 -16.39 17.33 -0.77
C ASP A 217 -14.93 17.31 -1.21
N ARG A 218 -14.63 16.57 -2.28
CA ARG A 218 -13.29 16.57 -2.89
C ARG A 218 -13.41 16.86 -4.39
N VAL A 219 -12.43 17.56 -4.95
CA VAL A 219 -12.30 17.65 -6.41
C VAL A 219 -11.00 17.02 -6.84
N VAL A 220 -11.05 16.26 -7.93
CA VAL A 220 -9.87 15.66 -8.52
C VAL A 220 -9.73 16.10 -9.96
N LEU A 221 -8.60 16.71 -10.28
CA LEU A 221 -8.28 17.10 -11.65
C LEU A 221 -7.52 16.00 -12.35
N SER A 222 -8.08 15.51 -13.44
CA SER A 222 -7.43 14.49 -14.25
C SER A 222 -7.83 14.77 -15.70
N ALA A 223 -7.37 15.92 -16.18
CA ALA A 223 -7.78 16.46 -17.47
C ALA A 223 -6.61 16.47 -18.43
N GLY A 224 -5.71 15.52 -18.27
CA GLY A 224 -4.60 15.37 -19.19
C GLY A 224 -3.83 16.67 -19.28
N CYS A 225 -3.39 16.99 -20.51
CA CYS A 225 -2.56 18.14 -20.74
C CYS A 225 -3.35 19.46 -20.69
N TRP A 226 -4.60 19.42 -20.26
CA TRP A 226 -5.41 20.61 -20.07
C TRP A 226 -5.59 20.94 -18.60
N THR A 227 -5.20 20.01 -17.73
CA THR A 227 -5.37 20.12 -16.28
C THR A 227 -4.96 21.48 -15.76
N HIS A 228 -3.73 21.87 -16.05
CA HIS A 228 -3.20 23.13 -15.55
C HIS A 228 -3.82 24.37 -16.18
N ARG A 229 -4.63 24.21 -17.21
CA ARG A 229 -5.19 25.34 -17.92
C ARG A 229 -6.58 25.74 -17.43
N LEU A 230 -7.07 25.08 -16.40
CA LEU A 230 -8.38 25.38 -15.88
C LEU A 230 -8.34 26.73 -15.16
N ALA A 231 -9.15 27.68 -15.62
CA ALA A 231 -9.20 29.01 -15.02
C ALA A 231 -9.62 28.92 -13.55
N GLY A 232 -9.05 29.80 -12.73
CA GLY A 232 -9.43 29.90 -11.31
C GLY A 232 -8.51 29.13 -10.37
N LEU A 233 -7.62 28.31 -10.93
CA LEU A 233 -6.64 27.62 -10.12
C LEU A 233 -5.66 28.63 -9.54
N PRO A 234 -5.49 28.61 -8.21
CA PRO A 234 -4.47 29.48 -7.64
C PRO A 234 -3.10 29.19 -8.23
N ALA A 235 -2.38 30.25 -8.57
CA ALA A 235 -1.01 30.12 -9.06
C ALA A 235 -0.22 29.10 -8.24
N GLY A 236 0.60 28.29 -8.92
CA GLY A 236 1.42 27.27 -8.25
C GLY A 236 0.71 25.98 -7.82
N ALA A 237 -0.61 25.97 -7.82
CA ALA A 237 -1.39 24.83 -7.32
C ALA A 237 -1.05 23.59 -8.11
N VAL A 238 -1.19 23.68 -9.41
CA VAL A 238 -0.93 22.55 -10.29
C VAL A 238 0.24 22.89 -11.21
N PRO A 239 1.19 21.96 -11.38
CA PRO A 239 2.29 22.25 -12.27
C PRO A 239 1.90 22.07 -13.73
N GLU A 240 2.77 22.51 -14.63
CA GLU A 240 2.50 22.42 -16.06
C GLU A 240 2.46 20.97 -16.55
N ILE A 241 1.31 20.55 -17.08
CA ILE A 241 1.15 19.23 -17.66
C ILE A 241 1.29 19.38 -19.17
N ALA A 242 2.52 19.41 -19.67
CA ALA A 242 2.77 19.83 -21.05
C ALA A 242 2.50 18.71 -22.01
N PRO A 243 1.84 19.02 -23.14
CA PRO A 243 1.49 17.98 -24.09
C PRO A 243 2.67 17.42 -24.83
N ALA A 244 2.74 16.11 -25.00
CA ALA A 244 3.71 15.52 -25.94
C ALA A 244 2.95 14.76 -27.00
N LYS A 245 2.95 15.31 -28.21
CA LYS A 245 2.23 14.74 -29.33
C LYS A 245 2.72 13.35 -29.71
N GLY A 246 1.78 12.50 -30.11
CA GLY A 246 2.10 11.17 -30.59
C GLY A 246 1.14 10.78 -31.69
N GLN A 247 1.68 10.44 -32.85
CA GLN A 247 0.88 9.87 -33.92
C GLN A 247 0.99 8.37 -33.83
N ILE A 248 -0.02 7.70 -34.35
CA ILE A 248 -0.17 6.26 -34.24
C ILE A 248 -1.10 5.76 -35.35
N LEU A 249 -0.93 4.51 -35.78
CA LEU A 249 -1.80 4.03 -36.83
C LEU A 249 -2.34 2.63 -36.56
N ARG A 250 -3.35 2.25 -37.32
CA ARG A 250 -3.97 0.94 -37.18
C ARG A 250 -4.07 0.26 -38.51
N LEU A 251 -3.52 -0.93 -38.59
CA LEU A 251 -3.59 -1.78 -39.77
C LEU A 251 -4.62 -2.89 -39.50
N ARG A 252 -5.03 -3.58 -40.55
CA ARG A 252 -6.06 -4.59 -40.38
C ARG A 252 -5.92 -5.69 -41.40
N SER A 253 -6.19 -6.90 -40.96
CA SER A 253 -6.37 -8.06 -41.81
C SER A 253 -7.57 -8.77 -41.21
N ALA A 254 -8.24 -9.62 -41.98
CA ALA A 254 -9.44 -10.33 -41.48
C ALA A 254 -9.07 -11.30 -40.35
N ALA A 255 -8.03 -12.08 -40.57
CA ALA A 255 -7.47 -12.93 -39.51
C ALA A 255 -6.24 -12.23 -38.93
N PRO A 256 -6.02 -12.35 -37.61
CA PRO A 256 -4.87 -11.70 -36.99
C PRO A 256 -3.57 -12.00 -37.68
N PHE A 257 -2.70 -11.01 -37.76
CA PHE A 257 -1.46 -11.12 -38.49
C PHE A 257 -0.31 -11.47 -37.53
N LEU A 258 -0.33 -10.84 -36.36
CA LEU A 258 0.72 -11.01 -35.37
C LEU A 258 0.13 -11.80 -34.22
N ARG A 259 0.96 -12.64 -33.62
CA ARG A 259 0.50 -13.58 -32.61
C ARG A 259 0.22 -12.90 -31.26
N ARG A 260 1.04 -11.90 -30.91
CA ARG A 260 0.97 -11.25 -29.62
C ARG A 260 1.68 -9.86 -29.58
N ALA A 261 1.36 -9.05 -28.59
CA ALA A 261 1.96 -7.72 -28.40
C ALA A 261 3.48 -7.77 -28.54
N THR A 262 3.98 -7.08 -29.54
CA THR A 262 5.36 -7.18 -29.88
C THR A 262 6.06 -5.79 -29.84
N ARG A 263 7.21 -5.74 -29.17
CA ARG A 263 8.10 -4.56 -29.24
C ARG A 263 9.31 -4.90 -30.10
N ALA A 264 9.50 -4.19 -31.21
CA ALA A 264 10.67 -4.39 -32.10
C ALA A 264 11.62 -3.19 -32.09
N VAL A 265 12.90 -3.45 -31.85
CA VAL A 265 13.89 -2.37 -31.82
C VAL A 265 14.92 -2.62 -32.90
N THR A 266 15.29 -1.56 -33.60
CA THR A 266 16.34 -1.68 -34.60
C THR A 266 16.85 -0.29 -34.88
N ARG A 267 18.11 -0.20 -35.31
CA ARG A 267 18.75 1.09 -35.60
C ARG A 267 18.49 2.13 -34.52
N GLY A 268 18.55 1.69 -33.25
CA GLY A 268 18.40 2.56 -32.08
C GLY A 268 17.03 3.16 -31.85
N SER A 269 16.00 2.55 -32.42
CA SER A 269 14.64 3.08 -32.31
C SER A 269 13.61 1.94 -32.25
N GLY A 270 12.57 2.17 -31.46
CA GLY A 270 11.56 1.17 -31.16
C GLY A 270 10.21 1.42 -31.82
N VAL A 271 9.44 0.34 -31.97
CA VAL A 271 8.05 0.43 -32.36
C VAL A 271 7.19 -0.60 -31.63
N TYR A 272 5.97 -0.19 -31.28
CA TYR A 272 5.01 -1.04 -30.58
C TYR A 272 4.04 -1.59 -31.59
N LEU A 273 3.82 -2.88 -31.55
CA LEU A 273 2.92 -3.57 -32.48
C LEU A 273 1.95 -4.39 -31.66
N VAL A 274 0.70 -3.95 -31.60
CA VAL A 274 -0.29 -4.55 -30.72
C VAL A 274 -1.48 -5.15 -31.49
N PRO A 275 -1.54 -6.49 -31.58
CA PRO A 275 -2.64 -7.13 -32.28
C PRO A 275 -3.90 -7.22 -31.45
N ARG A 276 -5.03 -6.83 -31.99
CA ARG A 276 -6.30 -7.11 -31.33
C ARG A 276 -6.87 -8.41 -31.92
N THR A 277 -7.83 -8.98 -31.22
CA THR A 277 -8.40 -10.27 -31.58
C THR A 277 -9.15 -10.24 -32.95
N ASP A 278 -9.72 -9.10 -33.29
CA ASP A 278 -10.50 -8.93 -34.52
C ASP A 278 -9.69 -8.64 -35.78
N GLY A 279 -8.37 -8.74 -35.72
CA GLY A 279 -7.52 -8.46 -36.88
C GLY A 279 -6.86 -7.09 -36.89
N GLU A 280 -7.32 -6.16 -36.05
CA GLU A 280 -6.69 -4.85 -35.94
C GLU A 280 -5.26 -5.02 -35.41
N LEU A 281 -4.35 -4.24 -35.94
CA LEU A 281 -2.98 -4.26 -35.50
C LEU A 281 -2.57 -2.83 -35.30
N VAL A 282 -2.33 -2.45 -34.06
CA VAL A 282 -1.93 -1.09 -33.75
C VAL A 282 -0.43 -0.95 -33.92
N VAL A 283 0.00 0.21 -34.43
CA VAL A 283 1.41 0.52 -34.66
C VAL A 283 1.73 1.94 -34.17
N GLY A 284 2.49 2.03 -33.07
CA GLY A 284 2.83 3.28 -32.46
C GLY A 284 4.30 3.24 -32.06
N ALA A 285 4.91 4.39 -31.78
CA ALA A 285 4.30 5.70 -31.88
C ALA A 285 5.35 6.81 -32.08
N THR A 286 4.97 7.95 -32.65
CA THR A 286 5.90 9.08 -32.73
C THR A 286 5.86 9.80 -31.40
N TYR A 287 6.96 10.44 -31.01
CA TYR A 287 6.99 11.32 -29.85
C TYR A 287 7.52 12.67 -30.35
N GLU A 288 6.71 13.71 -30.19
CA GLU A 288 6.96 15.00 -30.84
C GLU A 288 6.57 16.15 -29.94
N GLU A 289 7.29 17.26 -30.08
CA GLU A 289 7.03 18.45 -29.29
C GLU A 289 6.38 19.46 -30.23
N ARG A 290 5.06 19.41 -30.31
CA ARG A 290 4.30 20.28 -31.19
C ARG A 290 3.17 20.96 -30.44
N ASP A 291 3.37 21.28 -29.16
CA ASP A 291 2.32 21.85 -28.34
C ASP A 291 1.02 21.01 -28.44
N TYR A 292 -0.12 21.64 -28.74
CA TYR A 292 -1.42 21.00 -28.69
C TYR A 292 -1.93 20.52 -30.05
N ASP A 293 -1.08 20.58 -31.07
CA ASP A 293 -1.44 20.09 -32.39
C ASP A 293 -1.61 18.57 -32.43
N THR A 294 -2.66 18.11 -33.09
CA THR A 294 -2.94 16.69 -33.26
C THR A 294 -3.17 16.37 -34.73
N THR A 295 -2.48 17.08 -35.62
CA THR A 295 -2.56 16.79 -37.04
C THR A 295 -1.83 15.51 -37.35
N VAL A 296 -2.45 14.63 -38.14
CA VAL A 296 -1.77 13.46 -38.66
C VAL A 296 -1.00 13.92 -39.88
N THR A 297 0.31 13.68 -39.92
CA THR A 297 1.19 14.23 -40.95
C THR A 297 1.84 13.16 -41.82
N ALA A 298 2.22 13.57 -43.02
CA ALA A 298 2.98 12.70 -43.90
C ALA A 298 4.26 12.15 -43.22
N GLY A 299 4.97 13.05 -42.53
CA GLY A 299 6.19 12.68 -41.79
C GLY A 299 5.96 11.59 -40.75
N GLY A 300 4.95 11.80 -39.91
CA GLY A 300 4.66 10.85 -38.85
C GLY A 300 4.20 9.49 -39.36
N VAL A 301 3.28 9.48 -40.30
CA VAL A 301 2.81 8.22 -40.83
C VAL A 301 3.94 7.48 -41.57
N ALA A 302 4.80 8.22 -42.25
CA ALA A 302 5.96 7.60 -42.94
C ALA A 302 6.94 6.97 -41.94
N GLU A 303 7.17 7.69 -40.85
CA GLU A 303 8.00 7.13 -39.76
C GLU A 303 7.48 5.78 -39.28
N LEU A 304 6.18 5.70 -39.02
CA LEU A 304 5.61 4.50 -38.42
C LEU A 304 5.58 3.35 -39.40
N LEU A 305 5.16 3.61 -40.63
CA LEU A 305 5.14 2.58 -41.66
C LEU A 305 6.54 2.04 -41.96
N GLY A 306 7.53 2.93 -41.98
CA GLY A 306 8.92 2.53 -42.15
C GLY A 306 9.38 1.49 -41.14
N LYS A 307 9.05 1.73 -39.88
CA LYS A 307 9.45 0.81 -38.81
C LYS A 307 8.73 -0.55 -38.90
N VAL A 308 7.42 -0.52 -39.13
CA VAL A 308 6.66 -1.76 -39.11
C VAL A 308 7.05 -2.64 -40.30
N LEU A 309 7.22 -2.02 -41.47
CA LEU A 309 7.57 -2.81 -42.67
C LEU A 309 8.99 -3.35 -42.64
N ALA A 310 9.92 -2.62 -41.98
CA ALA A 310 11.27 -3.11 -41.78
C ALA A 310 11.32 -4.41 -40.96
N VAL A 311 10.46 -4.53 -39.95
CA VAL A 311 10.50 -5.71 -39.09
C VAL A 311 9.37 -6.71 -39.35
N LEU A 312 8.31 -6.27 -40.03
CA LEU A 312 7.24 -7.14 -40.48
C LEU A 312 7.02 -6.88 -41.96
N PRO A 313 7.89 -7.42 -42.82
CA PRO A 313 7.83 -7.14 -44.26
C PRO A 313 6.52 -7.60 -44.91
N GLY A 314 5.91 -8.65 -44.36
CA GLY A 314 4.59 -9.08 -44.83
C GLY A 314 3.48 -8.11 -44.53
N ALA A 315 3.73 -7.12 -43.66
CA ALA A 315 2.70 -6.12 -43.31
C ALA A 315 2.38 -5.17 -44.46
N ALA A 316 3.17 -5.26 -45.53
CA ALA A 316 2.92 -4.49 -46.71
C ALA A 316 1.51 -4.66 -47.25
N GLU A 317 0.95 -5.89 -47.18
CA GLU A 317 -0.37 -6.16 -47.74
C GLU A 317 -1.52 -5.73 -46.83
N LEU A 318 -1.25 -5.45 -45.56
CA LEU A 318 -2.33 -5.14 -44.64
C LEU A 318 -2.96 -3.81 -44.95
N GLU A 319 -4.27 -3.74 -44.74
CA GLU A 319 -4.99 -2.51 -44.96
C GLU A 319 -4.58 -1.47 -43.93
N LEU A 320 -4.31 -0.24 -44.38
CA LEU A 320 -4.14 0.89 -43.46
C LEU A 320 -5.53 1.43 -43.15
N ALA A 321 -6.02 1.16 -41.96
CA ALA A 321 -7.41 1.44 -41.62
C ALA A 321 -7.59 2.77 -40.92
N GLU A 322 -6.61 3.18 -40.13
CA GLU A 322 -6.78 4.37 -39.34
C GLU A 322 -5.42 5.00 -39.07
N THR A 323 -5.41 6.33 -38.99
CA THR A 323 -4.27 7.09 -38.52
C THR A 323 -4.79 8.11 -37.50
N ALA A 324 -4.06 8.34 -36.42
CA ALA A 324 -4.51 9.27 -35.43
C ALA A 324 -3.36 9.97 -34.73
N ALA A 325 -3.70 10.90 -33.85
CA ALA A 325 -2.71 11.61 -33.07
C ALA A 325 -3.31 12.08 -31.74
N GLY A 326 -2.50 12.02 -30.69
CA GLY A 326 -2.94 12.39 -29.35
C GLY A 326 -1.87 13.12 -28.59
N LEU A 327 -2.27 13.70 -27.46
CA LEU A 327 -1.33 14.43 -26.62
C LEU A 327 -1.08 13.68 -25.30
N ARG A 328 0.17 13.31 -25.06
CA ARG A 328 0.56 12.70 -23.80
C ARG A 328 0.64 13.82 -22.77
N PRO A 329 0.08 13.58 -21.56
CA PRO A 329 0.21 14.53 -20.48
C PRO A 329 1.54 14.41 -19.74
N GLY A 330 2.37 15.44 -19.86
CA GLY A 330 3.68 15.43 -19.27
C GLY A 330 3.72 16.11 -17.91
N SER A 331 4.94 16.45 -17.49
CA SER A 331 5.17 17.09 -16.21
C SER A 331 6.59 17.63 -16.22
N PRO A 332 6.86 18.68 -15.44
CA PRO A 332 8.18 19.34 -15.48
C PRO A 332 9.38 18.39 -15.34
N ASP A 333 9.22 17.29 -14.60
CA ASP A 333 10.27 16.30 -14.39
C ASP A 333 9.96 14.91 -14.97
N GLY A 334 8.88 14.80 -15.75
CA GLY A 334 8.59 13.58 -16.50
C GLY A 334 7.94 12.46 -15.73
N LEU A 335 7.61 12.70 -14.46
CA LEU A 335 6.98 11.72 -13.59
C LEU A 335 5.55 12.14 -13.25
N PRO A 336 4.68 11.16 -12.91
CA PRO A 336 3.28 11.43 -12.61
C PRO A 336 3.08 12.44 -11.49
N VAL A 337 1.90 13.03 -11.47
CA VAL A 337 1.52 14.03 -10.50
C VAL A 337 0.24 13.59 -9.80
N LEU A 338 0.38 13.10 -8.58
CA LEU A 338 -0.68 12.44 -7.83
C LEU A 338 -0.72 12.96 -6.41
N GLY A 339 -1.91 13.21 -5.89
CA GLY A 339 -2.11 13.60 -4.48
C GLY A 339 -2.73 14.96 -4.29
N TRP A 340 -2.56 15.52 -3.09
CA TRP A 340 -3.16 16.80 -2.75
C TRP A 340 -2.35 17.98 -3.28
N THR A 341 -3.06 19.06 -3.62
CA THR A 341 -2.44 20.32 -3.91
C THR A 341 -2.35 21.11 -2.61
N ALA A 342 -1.74 22.29 -2.69
CA ALA A 342 -1.77 23.23 -1.59
C ALA A 342 -3.18 23.79 -1.38
N VAL A 343 -4.07 23.60 -2.36
CA VAL A 343 -5.47 24.00 -2.21
C VAL A 343 -6.25 22.90 -1.51
N PRO A 344 -6.90 23.23 -0.38
CA PRO A 344 -7.50 22.17 0.40
C PRO A 344 -8.63 21.44 -0.36
N ASN A 345 -8.67 20.13 -0.20
CA ASN A 345 -9.65 19.26 -0.86
C ASN A 345 -9.56 19.25 -2.39
N LEU A 346 -8.44 19.74 -2.92
CA LEU A 346 -8.19 19.73 -4.35
C LEU A 346 -7.05 18.78 -4.63
N LEU A 347 -7.36 17.66 -5.27
CA LEU A 347 -6.34 16.68 -5.65
C LEU A 347 -6.11 16.69 -7.16
N VAL A 348 -5.01 16.08 -7.59
CA VAL A 348 -4.72 15.87 -9.00
C VAL A 348 -4.30 14.44 -9.26
N ALA A 349 -4.41 14.04 -10.51
CA ALA A 349 -4.08 12.68 -10.92
C ALA A 349 -3.78 12.72 -12.40
N THR A 350 -2.53 13.06 -12.73
CA THR A 350 -2.17 13.29 -14.11
C THR A 350 -0.67 13.25 -14.31
N GLY A 351 -0.24 13.49 -15.54
CA GLY A 351 1.17 13.49 -15.91
C GLY A 351 1.77 12.11 -16.15
N HIS A 352 0.93 11.17 -16.58
CA HIS A 352 1.37 9.77 -16.81
C HIS A 352 2.05 9.58 -18.14
N SER A 353 2.03 10.63 -18.95
CA SER A 353 2.81 10.70 -20.18
C SER A 353 2.71 9.44 -21.07
N ARG A 354 3.74 8.61 -21.12
CA ARG A 354 3.81 7.54 -22.09
C ARG A 354 3.15 6.26 -21.63
N ILE A 355 2.67 6.21 -20.39
CA ILE A 355 2.25 4.94 -19.77
C ILE A 355 1.04 5.03 -18.85
N GLY A 356 0.13 5.98 -19.09
CA GLY A 356 -1.10 6.07 -18.31
C GLY A 356 -2.05 4.87 -18.38
N VAL A 357 -2.13 4.19 -19.53
CA VAL A 357 -2.98 2.99 -19.61
C VAL A 357 -2.41 1.95 -18.63
N GLN A 358 -1.10 1.80 -18.67
CA GLN A 358 -0.39 0.88 -17.78
C GLN A 358 -0.58 1.23 -16.29
N LEU A 359 -0.43 2.52 -15.96
CA LEU A 359 -0.58 3.00 -14.59
C LEU A 359 -2.00 3.23 -14.15
N ALA A 360 -2.96 3.14 -15.04
CA ALA A 360 -4.36 3.43 -14.66
C ALA A 360 -4.89 2.71 -13.41
N PRO A 361 -4.68 1.40 -13.31
CA PRO A 361 -5.23 0.73 -12.11
C PRO A 361 -4.59 1.20 -10.81
N ILE A 362 -3.27 1.13 -10.70
CA ILE A 362 -2.60 1.58 -9.47
C ILE A 362 -2.96 3.03 -9.13
N THR A 363 -3.10 3.86 -10.15
CA THR A 363 -3.46 5.24 -9.92
C THR A 363 -4.84 5.29 -9.27
N ALA A 364 -5.72 4.43 -9.74
CA ALA A 364 -7.08 4.39 -9.24
C ALA A 364 -7.08 3.93 -7.79
N ASP A 365 -6.42 2.79 -7.53
CA ASP A 365 -6.31 2.29 -6.17
C ASP A 365 -5.77 3.41 -5.28
N VAL A 366 -4.63 3.99 -5.68
CA VAL A 366 -3.99 4.98 -4.86
C VAL A 366 -4.91 6.14 -4.54
N MET A 367 -5.60 6.68 -5.53
CA MET A 367 -6.46 7.85 -5.28
C MET A 367 -7.65 7.47 -4.42
N GLY A 368 -8.15 6.24 -4.57
CA GLY A 368 -9.20 5.73 -3.68
C GLY A 368 -8.81 5.90 -2.23
N GLU A 369 -7.75 5.19 -1.84
CA GLU A 369 -7.10 5.34 -0.54
C GLU A 369 -6.98 6.79 -0.08
N MET A 370 -6.35 7.63 -0.89
CA MET A 370 -6.17 9.03 -0.51
C MET A 370 -7.49 9.70 -0.14
N LEU A 371 -8.51 9.52 -0.97
CA LEU A 371 -9.81 10.12 -0.73
C LEU A 371 -10.43 9.62 0.56
N VAL A 372 -10.43 8.32 0.75
CA VAL A 372 -11.02 7.68 1.91
C VAL A 372 -10.23 7.94 3.21
N THR A 373 -8.93 7.74 3.18
CA THR A 373 -8.12 7.76 4.40
C THR A 373 -7.56 9.13 4.76
N GLY A 374 -7.34 9.98 3.77
CA GLY A 374 -6.63 11.24 3.97
C GLY A 374 -5.13 11.09 3.95
N ARG A 375 -4.64 9.85 3.85
CA ARG A 375 -3.20 9.61 3.80
C ARG A 375 -2.78 9.10 2.44
N THR A 376 -1.47 9.20 2.18
CA THR A 376 -0.88 8.90 0.90
C THR A 376 -0.17 7.57 0.96
N PRO A 377 -0.64 6.58 0.19
CA PRO A 377 0.05 5.30 0.24
C PRO A 377 1.52 5.45 -0.10
N GLU A 378 2.36 4.63 0.52
CA GLU A 378 3.82 4.75 0.40
C GLU A 378 4.26 4.80 -1.05
N VAL A 379 3.71 3.89 -1.87
CA VAL A 379 4.16 3.79 -3.27
C VAL A 379 3.98 5.08 -4.09
N ALA A 380 3.10 5.97 -3.62
CA ALA A 380 2.76 7.19 -4.32
C ALA A 380 3.48 8.41 -3.79
N LYS A 381 4.13 8.30 -2.64
CA LYS A 381 4.78 9.45 -2.02
C LYS A 381 5.72 10.21 -2.97
N ALA A 382 6.45 9.49 -3.80
CA ALA A 382 7.39 10.10 -4.72
C ALA A 382 6.76 11.05 -5.75
N PHE A 383 5.45 11.01 -5.88
CA PHE A 383 4.75 11.75 -6.94
C PHE A 383 3.85 12.85 -6.41
N ALA A 384 4.12 13.29 -5.19
CA ALA A 384 3.36 14.39 -4.60
C ALA A 384 3.50 15.63 -5.46
N VAL A 385 2.43 16.41 -5.50
CA VAL A 385 2.39 17.68 -6.23
C VAL A 385 3.43 18.64 -5.69
N ASP A 386 3.60 18.64 -4.36
CA ASP A 386 4.42 19.65 -3.70
C ASP A 386 5.91 19.58 -4.01
N ARG A 387 6.37 18.52 -4.67
CA ARG A 387 7.79 18.37 -5.03
C ARG A 387 8.36 19.45 -5.96
N PHE A 388 7.54 20.39 -6.44
CA PHE A 388 7.99 21.44 -7.36
C PHE A 388 8.14 22.81 -6.70
N MET B 21 -21.77 -4.35 5.44
CA MET B 21 -21.37 -5.72 5.88
C MET B 21 -20.97 -5.75 7.36
N HIS B 22 -21.10 -6.93 7.95
CA HIS B 22 -20.92 -7.14 9.38
C HIS B 22 -19.73 -8.07 9.61
N VAL B 23 -18.79 -7.62 10.44
CA VAL B 23 -17.63 -8.42 10.80
C VAL B 23 -17.63 -8.72 12.28
N VAL B 24 -17.50 -9.99 12.63
CA VAL B 24 -17.34 -10.42 14.02
C VAL B 24 -15.87 -10.59 14.32
N VAL B 25 -15.36 -9.82 15.28
CA VAL B 25 -14.00 -9.95 15.75
C VAL B 25 -13.98 -10.75 17.06
N VAL B 26 -13.33 -11.90 17.02
CA VAL B 26 -13.16 -12.77 18.19
C VAL B 26 -11.85 -12.41 18.91
N GLY B 27 -11.98 -11.88 20.11
CA GLY B 27 -10.84 -11.48 20.93
C GLY B 27 -10.61 -9.99 20.78
N GLY B 28 -10.47 -9.31 21.92
CA GLY B 28 -10.40 -7.85 21.98
C GLY B 28 -9.25 -7.37 22.82
N GLY B 29 -8.05 -7.82 22.48
CA GLY B 29 -6.85 -7.19 22.97
C GLY B 29 -6.49 -6.06 22.03
N VAL B 30 -5.27 -5.57 22.11
CA VAL B 30 -4.89 -4.42 21.27
C VAL B 30 -5.08 -4.72 19.77
N ILE B 31 -4.97 -5.99 19.36
CA ILE B 31 -5.09 -6.37 17.96
C ILE B 31 -6.52 -6.47 17.46
N GLY B 32 -7.45 -7.06 18.19
CA GLY B 32 -8.85 -7.03 17.74
C GLY B 32 -9.49 -5.65 17.93
N LEU B 33 -9.04 -4.90 18.94
CA LEU B 33 -9.69 -3.61 19.20
C LEU B 33 -9.37 -2.64 18.08
N SER B 34 -8.08 -2.35 17.90
CA SER B 34 -7.59 -1.69 16.68
C SER B 34 -8.20 -2.17 15.36
N VAL B 35 -8.22 -3.48 15.12
CA VAL B 35 -8.84 -3.99 13.89
C VAL B 35 -10.32 -3.59 13.84
N ALA B 36 -11.05 -3.87 14.92
CA ALA B 36 -12.47 -3.55 15.00
C ALA B 36 -12.71 -2.06 14.80
N TRP B 37 -11.85 -1.23 15.39
CA TRP B 37 -12.01 0.21 15.25
C TRP B 37 -11.87 0.67 13.81
N GLN B 38 -10.84 0.18 13.12
CA GLN B 38 -10.59 0.61 11.76
C GLN B 38 -11.68 0.10 10.82
N ALA B 39 -12.17 -1.11 11.06
CA ALA B 39 -13.29 -1.67 10.31
C ALA B 39 -14.54 -0.80 10.41
N LEU B 40 -14.81 -0.27 11.59
CA LEU B 40 -15.86 0.73 11.77
C LEU B 40 -15.53 2.01 11.03
N GLU B 41 -14.30 2.50 11.16
CA GLU B 41 -13.87 3.72 10.47
C GLU B 41 -14.04 3.59 8.96
N ARG B 42 -14.02 2.36 8.45
CA ARG B 42 -14.29 2.12 7.04
C ARG B 42 -15.75 1.79 6.77
N GLY B 43 -16.65 2.18 7.67
CA GLY B 43 -18.08 1.97 7.48
C GLY B 43 -18.60 0.54 7.61
N LEU B 44 -17.77 -0.40 8.04
CA LEU B 44 -18.30 -1.72 8.37
C LEU B 44 -19.02 -1.70 9.72
N ARG B 45 -19.96 -2.60 9.88
CA ARG B 45 -20.60 -2.84 11.14
C ARG B 45 -19.77 -3.94 11.84
N VAL B 46 -19.57 -3.78 13.15
CA VAL B 46 -18.61 -4.62 13.86
C VAL B 46 -19.10 -5.12 15.22
N THR B 47 -18.91 -6.42 15.46
CA THR B 47 -19.10 -7.00 16.79
C THR B 47 -17.77 -7.58 17.32
N VAL B 48 -17.38 -7.19 18.53
CA VAL B 48 -16.23 -7.77 19.20
C VAL B 48 -16.67 -8.73 20.30
N VAL B 49 -16.26 -10.00 20.23
CA VAL B 49 -16.51 -10.99 21.28
C VAL B 49 -15.26 -11.24 22.14
N ASP B 50 -15.37 -10.98 23.45
CA ASP B 50 -14.27 -11.16 24.40
C ASP B 50 -14.86 -11.01 25.82
N PRO B 51 -14.74 -12.05 26.67
CA PRO B 51 -15.29 -11.92 28.02
C PRO B 51 -14.68 -10.80 28.88
N GLU B 52 -13.43 -10.43 28.61
CA GLU B 52 -12.77 -9.37 29.37
C GLU B 52 -11.71 -8.73 28.47
N PRO B 53 -12.12 -7.75 27.67
CA PRO B 53 -11.28 -7.07 26.70
C PRO B 53 -10.02 -6.49 27.34
N ALA B 54 -8.93 -6.47 26.59
CA ALA B 54 -7.70 -5.81 27.01
C ALA B 54 -7.19 -6.26 28.39
N SER B 55 -7.42 -7.55 28.70
CA SER B 55 -7.07 -8.09 30.00
C SER B 55 -5.80 -8.93 30.04
N LYS B 56 -5.25 -9.29 28.90
CA LYS B 56 -4.20 -10.29 28.87
C LYS B 56 -2.87 -9.66 28.52
N ALA B 57 -2.21 -10.16 27.49
CA ALA B 57 -0.90 -9.67 27.10
C ALA B 57 -0.96 -8.17 26.99
N SER B 58 -2.04 -7.68 26.39
CA SER B 58 -2.21 -6.26 26.15
C SER B 58 -2.28 -5.46 27.45
N HIS B 59 -2.80 -6.08 28.51
CA HIS B 59 -2.81 -5.43 29.83
C HIS B 59 -1.43 -5.27 30.47
N VAL B 60 -0.62 -6.32 30.42
CA VAL B 60 0.70 -6.30 31.09
C VAL B 60 1.78 -5.64 30.23
N SER B 61 1.52 -5.54 28.93
CA SER B 61 2.47 -5.08 27.95
C SER B 61 3.11 -3.73 28.30
N ALA B 62 4.37 -3.56 27.90
CA ALA B 62 5.13 -2.36 28.24
C ALA B 62 4.82 -1.20 27.30
N GLY B 63 4.53 -1.51 26.03
CA GLY B 63 4.22 -0.45 25.05
C GLY B 63 5.41 0.30 24.46
N MET B 64 6.58 -0.30 24.51
CA MET B 64 7.74 0.23 23.81
C MET B 64 7.49 0.16 22.31
N LEU B 65 7.84 1.25 21.63
CA LEU B 65 7.63 1.38 20.19
C LEU B 65 8.99 1.62 19.55
N PRO B 66 9.84 0.59 19.56
CA PRO B 66 11.14 0.74 19.00
C PRO B 66 11.06 0.51 17.48
N ALA B 67 11.86 1.25 16.73
CA ALA B 67 11.98 1.05 15.29
C ALA B 67 12.16 -0.46 15.00
N ALA B 68 13.11 -1.06 15.70
CA ALA B 68 13.19 -2.51 15.86
C ALA B 68 13.79 -2.84 17.25
N GLN B 75 15.25 -9.70 9.49
CA GLN B 75 14.03 -10.07 8.76
C GLN B 75 13.48 -8.92 7.94
N GLU B 76 13.54 -9.00 6.61
CA GLU B 76 13.17 -7.85 5.77
C GLU B 76 11.66 -7.56 5.78
N ASP B 77 10.84 -8.59 5.61
CA ASP B 77 9.39 -8.41 5.52
C ASP B 77 8.79 -7.83 6.79
N LEU B 78 9.18 -8.37 7.94
CA LEU B 78 8.69 -7.91 9.23
C LEU B 78 9.16 -6.50 9.51
N LEU B 79 10.40 -6.23 9.16
CA LEU B 79 10.96 -4.89 9.31
C LEU B 79 10.09 -3.90 8.56
N ARG B 80 9.73 -4.25 7.33
CA ARG B 80 8.92 -3.39 6.49
C ARG B 80 7.54 -3.19 7.13
N LEU B 81 6.98 -4.25 7.70
CA LEU B 81 5.73 -4.15 8.41
C LEU B 81 5.86 -3.21 9.61
N CYS B 82 6.95 -3.33 10.36
CA CYS B 82 7.15 -2.47 11.53
C CYS B 82 7.33 -1.01 11.18
N LEU B 83 8.14 -0.75 10.15
CA LEU B 83 8.38 0.65 9.71
C LEU B 83 7.09 1.29 9.20
N ALA B 84 6.22 0.50 8.60
CA ALA B 84 4.94 1.01 8.13
C ALA B 84 4.07 1.34 9.34
N SER B 85 4.01 0.43 10.32
CA SER B 85 3.24 0.70 11.53
C SER B 85 3.81 1.92 12.24
N ARG B 86 5.13 2.05 12.21
CA ARG B 86 5.81 3.17 12.83
C ARG B 86 5.37 4.47 12.18
N GLU B 87 5.37 4.49 10.84
CA GLU B 87 5.02 5.68 10.08
C GLU B 87 3.59 6.12 10.40
N ARG B 88 2.72 5.12 10.52
CA ARG B 88 1.29 5.29 10.77
C ARG B 88 0.93 5.64 12.21
N TYR B 89 1.75 5.27 13.18
CA TYR B 89 1.39 5.42 14.62
C TYR B 89 0.88 6.84 14.97
N PRO B 90 1.65 7.87 14.61
CA PRO B 90 1.21 9.23 14.98
C PRO B 90 -0.20 9.55 14.51
N SER B 91 -0.48 9.35 13.23
CA SER B 91 -1.82 9.66 12.68
C SER B 91 -2.90 8.74 13.22
N PHE B 92 -2.53 7.50 13.51
CA PHE B 92 -3.44 6.54 14.13
C PHE B 92 -3.90 7.05 15.49
N VAL B 93 -2.95 7.53 16.28
CA VAL B 93 -3.26 8.04 17.60
C VAL B 93 -4.11 9.31 17.53
N LYS B 94 -3.71 10.23 16.66
CA LYS B 94 -4.45 11.47 16.43
C LYS B 94 -5.92 11.16 16.12
N GLU B 95 -6.14 10.27 15.17
CA GLU B 95 -7.48 9.90 14.74
C GLU B 95 -8.26 9.26 15.87
N LEU B 96 -7.57 8.47 16.67
CA LEU B 96 -8.22 7.73 17.75
C LEU B 96 -8.65 8.63 18.89
N GLU B 97 -7.77 9.54 19.31
CA GLU B 97 -8.11 10.50 20.34
C GLU B 97 -9.29 11.38 19.90
N ALA B 98 -9.28 11.79 18.63
CA ALA B 98 -10.35 12.60 18.08
C ALA B 98 -11.70 11.89 18.20
N VAL B 99 -11.77 10.64 17.74
CA VAL B 99 -13.01 9.88 17.85
C VAL B 99 -13.40 9.61 19.32
N SER B 100 -12.42 9.44 20.19
CA SER B 100 -12.70 8.93 21.54
C SER B 100 -12.80 10.01 22.60
N GLY B 101 -12.22 11.18 22.33
CA GLY B 101 -12.13 12.26 23.31
C GLY B 101 -11.31 11.87 24.52
N THR B 102 -10.39 10.94 24.33
CA THR B 102 -9.67 10.26 25.42
C THR B 102 -8.19 10.28 25.05
N SER B 103 -7.31 10.09 26.04
CA SER B 103 -5.88 9.97 25.73
C SER B 103 -5.45 8.50 25.56
N ALA B 104 -4.55 8.29 24.61
CA ALA B 104 -3.99 6.96 24.39
C ALA B 104 -2.64 6.81 25.06
N GLY B 105 -2.11 7.91 25.58
CA GLY B 105 -0.85 7.87 26.31
C GLY B 105 0.32 7.56 25.41
N TYR B 106 0.39 8.25 24.27
CA TYR B 106 1.48 8.11 23.32
C TYR B 106 2.48 9.24 23.55
N ARG B 107 3.73 8.89 23.90
CA ARG B 107 4.81 9.86 24.10
C ARG B 107 5.79 9.75 22.93
N ARG B 108 6.11 10.89 22.32
CA ARG B 108 7.16 10.95 21.30
C ARG B 108 8.29 11.85 21.79
N ASP B 109 9.04 11.38 22.78
CA ASP B 109 10.18 12.13 23.29
C ASP B 109 11.46 11.47 22.84
N GLY B 110 11.34 10.50 21.94
CA GLY B 110 12.49 9.73 21.51
C GLY B 110 12.78 8.55 22.41
N VAL B 111 13.56 7.61 21.88
CA VAL B 111 13.90 6.37 22.59
C VAL B 111 15.41 6.24 22.70
N LEU B 112 15.89 6.05 23.92
CA LEU B 112 17.32 5.87 24.18
C LEU B 112 17.73 4.40 24.22
N ASP B 113 18.64 4.02 23.34
CA ASP B 113 19.29 2.71 23.35
C ASP B 113 20.64 2.83 24.03
N ALA B 114 20.83 2.14 25.16
CA ALA B 114 22.06 2.20 25.92
C ALA B 114 22.70 0.84 26.05
N ALA B 115 24.00 0.79 25.88
CA ALA B 115 24.75 -0.46 25.92
C ALA B 115 25.81 -0.37 27.00
N PHE B 116 26.11 -1.51 27.61
CA PHE B 116 26.95 -1.58 28.82
C PHE B 116 28.14 -2.53 28.74
N ASP B 117 28.32 -3.20 27.59
CA ASP B 117 29.49 -4.03 27.38
C ASP B 117 29.80 -4.13 25.88
N ASP B 118 30.92 -4.75 25.54
CA ASP B 118 31.39 -4.83 24.15
C ASP B 118 30.36 -5.47 23.26
N GLU B 119 29.86 -6.60 23.72
CA GLU B 119 28.82 -7.35 23.04
C GLU B 119 27.67 -6.42 22.63
N SER B 120 27.13 -5.68 23.59
CA SER B 120 25.96 -4.82 23.35
C SER B 120 26.28 -3.56 22.53
N LEU B 121 27.46 -2.99 22.75
CA LEU B 121 27.90 -1.82 21.99
C LEU B 121 28.07 -2.17 20.51
N ALA B 122 28.49 -3.40 20.22
CA ALA B 122 28.63 -3.87 18.83
C ALA B 122 27.27 -4.09 18.17
N ALA B 123 26.30 -4.59 18.94
CA ALA B 123 24.95 -4.79 18.42
C ALA B 123 24.30 -3.45 18.06
N LEU B 124 24.70 -2.38 18.72
CA LEU B 124 24.21 -1.06 18.36
C LEU B 124 24.75 -0.62 16.99
N ASP B 125 26.04 -0.85 16.75
CA ASP B 125 26.63 -0.56 15.44
C ASP B 125 25.83 -1.26 14.37
N GLY B 126 25.61 -2.56 14.55
CA GLY B 126 24.80 -3.34 13.62
C GLY B 126 23.43 -2.74 13.43
N LEU B 127 22.80 -2.36 14.54
CA LEU B 127 21.47 -1.76 14.49
C LEU B 127 21.46 -0.42 13.75
N ARG B 128 22.46 0.41 13.99
CA ARG B 128 22.53 1.73 13.36
C ARG B 128 22.71 1.61 11.86
N ASN B 129 23.54 0.64 11.46
CA ASN B 129 23.77 0.36 10.06
C ASN B 129 22.52 -0.21 9.38
N PHE B 130 21.76 -0.98 10.13
CA PHE B 130 20.54 -1.59 9.62
C PHE B 130 19.44 -0.54 9.38
N LEU B 131 19.53 0.61 10.07
CA LEU B 131 18.49 1.64 10.08
C LEU B 131 18.78 2.92 9.27
N ALA B 132 20.05 3.13 8.93
CA ALA B 132 20.44 4.31 8.16
C ALA B 132 19.82 4.33 6.77
N PRO B 133 19.95 3.22 6.02
CA PRO B 133 19.37 3.19 4.66
C PRO B 133 17.86 3.41 4.60
N LEU B 134 17.16 3.12 5.69
CA LEU B 134 15.70 3.11 5.68
C LEU B 134 15.07 4.44 6.13
N GLY B 135 15.89 5.46 6.37
CA GLY B 135 15.37 6.80 6.70
C GLY B 135 14.81 6.88 8.11
N VAL B 136 15.50 6.23 9.05
CA VAL B 136 15.12 6.24 10.44
C VAL B 136 16.16 7.07 11.15
N ALA B 137 15.72 8.15 11.78
CA ALA B 137 16.62 8.99 12.55
C ALA B 137 17.22 8.14 13.68
N VAL B 138 18.55 8.14 13.72
CA VAL B 138 19.30 7.39 14.73
C VAL B 138 20.60 8.15 14.95
N ALA B 139 20.75 8.75 16.12
CA ALA B 139 21.93 9.51 16.43
C ALA B 139 22.83 8.70 17.35
N PRO B 140 24.03 8.32 16.89
CA PRO B 140 24.94 7.62 17.81
C PRO B 140 25.37 8.53 18.94
N LEU B 141 25.52 7.93 20.12
CA LEU B 141 25.93 8.65 21.32
C LEU B 141 27.07 7.89 21.94
N ASN B 142 28.13 8.60 22.31
CA ASN B 142 29.19 7.96 23.06
C ASN B 142 28.77 7.89 24.52
N ALA B 143 29.50 7.10 25.30
CA ALA B 143 29.25 6.97 26.74
C ALA B 143 28.88 8.30 27.43
N ARG B 144 29.62 9.36 27.14
CA ARG B 144 29.33 10.64 27.79
C ARG B 144 27.97 11.17 27.41
N ARG B 145 27.70 11.19 26.12
CA ARG B 145 26.46 11.71 25.61
C ARG B 145 25.27 10.93 26.17
N CYS B 146 25.43 9.61 26.33
CA CYS B 146 24.45 8.77 26.98
C CYS B 146 24.13 9.30 28.36
N ARG B 147 25.15 9.53 29.17
CA ARG B 147 24.94 10.02 30.53
C ARG B 147 24.29 11.40 30.57
N GLU B 148 24.52 12.22 29.56
CA GLU B 148 23.93 13.55 29.51
C GLU B 148 22.44 13.50 29.18
N HIS B 149 22.05 12.53 28.34
CA HIS B 149 20.65 12.30 28.01
C HIS B 149 19.87 11.62 29.13
N GLU B 150 20.56 10.74 29.87
CA GLU B 150 19.97 10.06 31.01
C GLU B 150 20.96 9.95 32.17
N PRO B 151 20.94 10.97 33.07
CA PRO B 151 21.82 11.00 34.27
C PRO B 151 21.75 9.76 35.18
N MET B 152 20.61 9.06 35.21
CA MET B 152 20.44 7.91 36.07
C MET B 152 21.07 6.63 35.55
N LEU B 153 21.68 6.65 34.36
CA LEU B 153 22.40 5.47 33.87
C LEU B 153 23.63 5.25 34.72
N ALA B 154 24.02 3.98 34.85
CA ALA B 154 25.22 3.64 35.59
C ALA B 154 26.42 4.13 34.79
N GLU B 155 27.50 4.44 35.49
CA GLU B 155 28.70 4.96 34.85
C GLU B 155 29.39 3.96 33.93
N SER B 156 29.00 2.70 34.02
CA SER B 156 29.54 1.66 33.13
C SER B 156 28.97 1.70 31.71
N VAL B 157 28.09 2.66 31.42
CA VAL B 157 27.52 2.79 30.09
C VAL B 157 28.62 3.06 29.06
N ARG B 158 28.56 2.34 27.94
CA ARG B 158 29.61 2.36 26.93
C ARG B 158 29.25 3.13 25.65
N GLY B 159 27.99 3.55 25.53
CA GLY B 159 27.53 4.31 24.37
C GLY B 159 26.13 3.89 23.97
N GLY B 160 25.47 4.70 23.15
CA GLY B 160 24.11 4.43 22.75
C GLY B 160 23.68 4.94 21.41
N LEU B 161 22.38 4.85 21.17
CA LEU B 161 21.74 5.41 19.99
C LEU B 161 20.57 6.19 20.50
N LEU B 162 20.26 7.31 19.86
CA LEU B 162 19.02 8.01 20.18
C LEU B 162 18.14 7.94 18.97
N GLY B 163 16.90 7.53 19.18
CA GLY B 163 15.87 7.55 18.11
C GLY B 163 14.87 8.65 18.41
N PRO B 164 15.17 9.90 18.02
CA PRO B 164 14.39 11.06 18.48
C PRO B 164 12.94 11.05 18.02
N ASP B 165 12.63 10.35 16.95
CA ASP B 165 11.28 10.33 16.41
C ASP B 165 10.45 9.15 16.92
N ASP B 166 11.05 8.30 17.75
CA ASP B 166 10.36 7.14 18.29
C ASP B 166 9.84 7.48 19.68
N GLY B 167 9.10 6.55 20.25
CA GLY B 167 8.52 6.77 21.57
C GLY B 167 7.99 5.50 22.20
N ALA B 168 6.89 5.67 22.93
CA ALA B 168 6.26 4.58 23.65
C ALA B 168 4.83 4.95 23.95
N VAL B 169 3.99 3.94 24.05
CA VAL B 169 2.60 4.17 24.35
C VAL B 169 2.28 3.43 25.65
N ASN B 170 1.24 3.87 26.33
CA ASN B 170 0.69 3.14 27.46
C ASN B 170 -0.47 2.29 26.95
N PRO B 171 -0.25 0.97 26.85
CA PRO B 171 -1.27 0.10 26.23
C PRO B 171 -2.60 0.11 26.94
N ARG B 172 -2.55 0.35 28.24
CA ARG B 172 -3.77 0.41 29.02
C ARG B 172 -4.60 1.60 28.56
N GLU B 173 -3.97 2.75 28.32
CA GLU B 173 -4.67 3.93 27.81
C GLU B 173 -5.06 3.76 26.33
N LEU B 174 -4.18 3.14 25.54
CA LEU B 174 -4.49 2.86 24.16
C LEU B 174 -5.73 1.96 24.00
N THR B 175 -5.84 0.90 24.79
CA THR B 175 -7.01 0.03 24.65
C THR B 175 -8.28 0.71 25.18
N ALA B 176 -8.15 1.49 26.26
CA ALA B 176 -9.29 2.27 26.76
C ALA B 176 -9.86 3.19 25.65
N ALA B 177 -8.98 3.88 24.94
CA ALA B 177 -9.42 4.73 23.82
C ALA B 177 -10.07 3.89 22.72
N LEU B 178 -9.39 2.82 22.31
CA LEU B 178 -9.98 1.94 21.28
C LEU B 178 -11.38 1.53 21.70
N LEU B 179 -11.55 1.14 22.95
CA LEU B 179 -12.89 0.77 23.43
C LEU B 179 -13.88 1.93 23.35
N ALA B 180 -13.42 3.13 23.69
CA ALA B 180 -14.28 4.29 23.66
C ALA B 180 -14.66 4.57 22.22
N ALA B 181 -13.70 4.49 21.31
CA ALA B 181 -13.93 4.85 19.91
C ALA B 181 -14.90 3.90 19.25
N ILE B 182 -14.68 2.62 19.46
CA ILE B 182 -15.58 1.57 19.01
C ILE B 182 -17.01 1.83 19.49
N ASP B 183 -17.15 2.32 20.71
CA ASP B 183 -18.46 2.59 21.24
C ASP B 183 -19.10 3.72 20.45
N VAL B 184 -18.38 4.85 20.40
CA VAL B 184 -18.84 6.04 19.69
C VAL B 184 -19.34 5.71 18.27
N ARG B 185 -18.64 4.82 17.57
CA ARG B 185 -19.04 4.45 16.20
C ARG B 185 -20.09 3.33 16.16
N GLY B 186 -20.66 2.98 17.31
CA GLY B 186 -21.74 2.02 17.34
C GLY B 186 -21.35 0.57 17.17
N GLY B 187 -20.07 0.25 17.31
CA GLY B 187 -19.64 -1.14 17.36
C GLY B 187 -20.19 -1.77 18.62
N THR B 188 -20.56 -3.04 18.54
CA THR B 188 -21.08 -3.79 19.66
C THR B 188 -19.95 -4.56 20.35
N LEU B 189 -19.97 -4.56 21.68
CA LEU B 189 -19.07 -5.36 22.49
C LEU B 189 -19.87 -6.43 23.26
N ILE B 190 -19.63 -7.70 22.96
CA ILE B 190 -20.24 -8.77 23.74
C ILE B 190 -19.18 -9.37 24.67
N ARG B 191 -19.39 -9.20 25.97
CA ARG B 191 -18.48 -9.72 26.99
C ARG B 191 -18.79 -11.19 27.35
N ARG B 192 -18.67 -12.07 26.37
CA ARG B 192 -18.76 -13.50 26.60
C ARG B 192 -17.69 -14.23 25.82
N ARG B 193 -17.37 -15.43 26.27
CA ARG B 193 -16.42 -16.30 25.60
C ARG B 193 -17.04 -16.91 24.34
N ALA B 194 -16.32 -16.86 23.21
CA ALA B 194 -16.67 -17.66 22.05
C ALA B 194 -16.25 -19.10 22.33
N THR B 195 -17.22 -20.01 22.42
CA THR B 195 -16.93 -21.42 22.73
C THR B 195 -16.80 -22.32 21.52
N GLU B 196 -17.25 -21.85 20.35
CA GLU B 196 -17.24 -22.68 19.14
C GLU B 196 -17.35 -21.86 17.87
N PHE B 197 -16.67 -22.31 16.81
CA PHE B 197 -16.82 -21.70 15.50
C PHE B 197 -17.86 -22.49 14.71
N LEU B 198 -18.81 -21.77 14.10
CA LEU B 198 -19.91 -22.36 13.33
C LEU B 198 -19.73 -22.27 11.81
N ALA B 199 -19.91 -23.38 11.10
CA ALA B 199 -19.95 -23.33 9.62
C ALA B 199 -21.29 -22.75 9.14
N THR B 203 -23.04 -18.01 5.95
CA THR B 203 -22.12 -17.11 6.63
C THR B 203 -21.49 -17.74 7.88
N PRO B 204 -20.27 -17.28 8.25
CA PRO B 204 -19.61 -17.75 9.45
C PRO B 204 -20.10 -17.08 10.73
N GLY B 205 -19.97 -17.78 11.84
CA GLY B 205 -20.29 -17.22 13.16
C GLY B 205 -19.64 -17.97 14.31
N VAL B 206 -19.97 -17.56 15.53
CA VAL B 206 -19.50 -18.23 16.74
C VAL B 206 -20.62 -18.48 17.74
N LEU B 207 -20.51 -19.60 18.43
CA LEU B 207 -21.35 -19.94 19.55
C LEU B 207 -20.70 -19.32 20.78
N LEU B 208 -21.53 -18.78 21.66
CA LEU B 208 -21.07 -18.19 22.90
C LEU B 208 -21.35 -19.16 24.04
N GLU B 209 -20.65 -18.96 25.15
CA GLU B 209 -20.79 -19.86 26.31
C GLU B 209 -22.23 -19.89 26.86
N ASN B 210 -22.97 -18.80 26.73
CA ASN B 210 -24.35 -18.77 27.19
C ASN B 210 -25.37 -19.37 26.22
N GLY B 211 -24.90 -19.95 25.12
CA GLY B 211 -25.78 -20.62 24.15
C GLY B 211 -26.22 -19.76 22.97
N CYS B 212 -26.24 -18.43 23.14
CA CYS B 212 -26.55 -17.52 22.04
C CYS B 212 -25.48 -17.59 20.95
N ALA B 213 -25.87 -17.24 19.72
CA ALA B 213 -24.97 -17.28 18.58
C ALA B 213 -24.80 -15.90 17.97
N VAL B 214 -23.68 -15.72 17.28
CA VAL B 214 -23.43 -14.48 16.52
C VAL B 214 -22.78 -14.82 15.18
N HIS B 215 -23.52 -14.61 14.09
CA HIS B 215 -22.95 -14.70 12.74
C HIS B 215 -22.65 -13.32 12.16
N GLY B 216 -21.78 -13.30 11.16
CA GLY B 216 -21.48 -12.10 10.40
C GLY B 216 -21.10 -12.47 8.99
N ASP B 217 -20.89 -11.46 8.15
CA ASP B 217 -20.45 -11.68 6.78
C ASP B 217 -18.98 -12.12 6.77
N ARG B 218 -18.17 -11.54 7.65
CA ARG B 218 -16.80 -11.99 7.89
C ARG B 218 -16.58 -12.29 9.37
N VAL B 219 -15.74 -13.29 9.68
CA VAL B 219 -15.24 -13.48 11.05
C VAL B 219 -13.74 -13.28 11.07
N VAL B 220 -13.26 -12.59 12.08
CA VAL B 220 -11.82 -12.40 12.29
C VAL B 220 -11.44 -12.93 13.66
N LEU B 221 -10.52 -13.89 13.67
CA LEU B 221 -9.96 -14.40 14.92
C LEU B 221 -8.74 -13.58 15.32
N SER B 222 -8.79 -12.96 16.50
CA SER B 222 -7.65 -12.23 17.06
C SER B 222 -7.68 -12.41 18.59
N ALA B 223 -7.53 -13.66 19.00
CA ALA B 223 -7.72 -14.08 20.37
C ALA B 223 -6.41 -14.50 20.98
N GLY B 224 -5.33 -13.86 20.53
CA GLY B 224 -4.01 -14.12 21.06
C GLY B 224 -3.71 -15.61 21.02
N CYS B 225 -3.08 -16.09 22.08
CA CYS B 225 -2.60 -17.46 22.14
C CYS B 225 -3.73 -18.47 22.39
N TRP B 226 -4.98 -18.01 22.32
CA TRP B 226 -6.14 -18.90 22.40
C TRP B 226 -6.83 -19.07 21.06
N THR B 227 -6.42 -18.28 20.07
CA THR B 227 -6.99 -18.29 18.74
C THR B 227 -7.19 -19.70 18.19
N HIS B 228 -6.11 -20.46 18.15
CA HIS B 228 -6.14 -21.81 17.60
C HIS B 228 -6.89 -22.83 18.45
N ARG B 229 -7.31 -22.43 19.65
CA ARG B 229 -7.98 -23.37 20.56
C ARG B 229 -9.50 -23.34 20.46
N LEU B 230 -10.02 -22.51 19.59
CA LEU B 230 -11.47 -22.38 19.46
C LEU B 230 -12.03 -23.64 18.82
N ALA B 231 -12.90 -24.34 19.55
CA ALA B 231 -13.52 -25.57 19.05
C ALA B 231 -14.28 -25.30 17.75
N GLY B 232 -14.26 -26.28 16.84
CA GLY B 232 -15.02 -26.20 15.61
C GLY B 232 -14.23 -25.70 14.41
N LEU B 233 -13.01 -25.21 14.66
CA LEU B 233 -12.14 -24.82 13.57
C LEU B 233 -11.71 -26.06 12.79
N PRO B 234 -11.94 -26.05 11.47
CA PRO B 234 -11.45 -27.18 10.67
C PRO B 234 -9.96 -27.35 10.83
N ALA B 235 -9.52 -28.60 11.00
CA ALA B 235 -8.11 -28.93 11.06
C ALA B 235 -7.32 -28.15 10.00
N GLY B 236 -6.13 -27.67 10.36
CA GLY B 236 -5.26 -26.93 9.44
C GLY B 236 -5.62 -25.49 9.18
N ALA B 237 -6.82 -25.07 9.56
CA ALA B 237 -7.30 -23.71 9.26
C ALA B 237 -6.39 -22.66 9.86
N VAL B 238 -6.18 -22.74 11.17
CA VAL B 238 -5.36 -21.78 11.88
C VAL B 238 -4.14 -22.49 12.44
N PRO B 239 -2.95 -21.91 12.29
CA PRO B 239 -1.78 -22.54 12.89
C PRO B 239 -1.68 -22.28 14.40
N GLU B 240 -0.79 -23.01 15.06
CA GLU B 240 -0.62 -22.91 16.49
C GLU B 240 -0.08 -21.54 16.89
N ILE B 241 -0.85 -20.80 17.67
CA ILE B 241 -0.42 -19.52 18.21
C ILE B 241 0.07 -19.78 19.63
N ALA B 242 1.31 -20.23 19.77
CA ALA B 242 1.81 -20.74 21.04
C ALA B 242 2.17 -19.61 21.97
N PRO B 243 1.77 -19.72 23.23
CA PRO B 243 2.05 -18.67 24.20
C PRO B 243 3.52 -18.55 24.54
N ALA B 244 4.02 -17.31 24.59
CA ALA B 244 5.35 -17.10 25.15
C ALA B 244 5.22 -16.20 26.35
N LYS B 245 5.40 -16.79 27.52
CA LYS B 245 5.24 -16.09 28.78
C LYS B 245 6.22 -14.94 28.94
N GLY B 246 5.75 -13.89 29.58
CA GLY B 246 6.59 -12.72 29.90
C GLY B 246 6.16 -12.12 31.23
N GLN B 247 7.08 -12.08 32.19
CA GLN B 247 6.85 -11.39 33.43
C GLN B 247 7.41 -9.99 33.28
N ILE B 248 6.84 -9.05 34.03
CA ILE B 248 7.10 -7.64 33.89
C ILE B 248 6.75 -6.95 35.18
N LEU B 249 7.43 -5.87 35.49
CA LEU B 249 7.10 -5.19 36.73
C LEU B 249 7.02 -3.68 36.55
N ARG B 250 6.44 -3.02 37.56
CA ARG B 250 6.27 -1.58 37.54
C ARG B 250 6.77 -1.00 38.82
N LEU B 251 7.67 -0.03 38.69
CA LEU B 251 8.20 0.73 39.79
C LEU B 251 7.54 2.12 39.80
N ARG B 252 7.70 2.86 40.88
CA ARG B 252 7.08 4.16 40.96
C ARG B 252 7.90 5.09 41.81
N SER B 253 7.91 6.36 41.41
CA SER B 253 8.39 7.49 42.21
C SER B 253 7.38 8.59 41.98
N ALA B 254 7.34 9.58 42.88
CA ALA B 254 6.35 10.68 42.75
C ALA B 254 6.61 11.52 41.50
N ALA B 255 7.86 11.92 41.31
CA ALA B 255 8.28 12.57 40.08
C ALA B 255 8.95 11.51 39.20
N PRO B 256 8.77 11.60 37.86
CA PRO B 256 9.41 10.64 36.96
C PRO B 256 10.91 10.49 37.19
N PHE B 257 11.40 9.27 37.06
CA PHE B 257 12.79 8.95 37.41
C PHE B 257 13.68 9.00 36.16
N LEU B 258 13.12 8.50 35.07
CA LEU B 258 13.81 8.36 33.82
C LEU B 258 13.22 9.36 32.86
N ARG B 259 14.06 9.92 31.99
CA ARG B 259 13.67 11.02 31.09
C ARG B 259 12.80 10.53 29.93
N ARG B 260 13.08 9.33 29.44
CA ARG B 260 12.40 8.79 28.26
C ARG B 260 12.54 7.27 28.11
N ALA B 261 11.68 6.68 27.30
CA ALA B 261 11.73 5.26 27.02
C ALA B 261 13.15 4.80 26.71
N THR B 262 13.68 3.90 27.54
CA THR B 262 15.06 3.47 27.43
C THR B 262 15.21 1.96 27.26
N ARG B 263 16.00 1.56 26.28
CA ARG B 263 16.43 0.16 26.13
C ARG B 263 17.87 0.05 26.59
N ALA B 264 18.12 -0.74 27.64
CA ALA B 264 19.47 -1.00 28.12
C ALA B 264 19.90 -2.44 27.82
N VAL B 265 21.04 -2.60 27.12
CA VAL B 265 21.45 -3.90 26.61
C VAL B 265 22.74 -4.32 27.31
N THR B 266 22.87 -5.63 27.59
CA THR B 266 24.06 -6.20 28.28
C THR B 266 24.74 -7.45 27.67
N GLY B 270 18.84 -7.34 26.61
CA GLY B 270 17.92 -6.19 26.61
C GLY B 270 16.84 -6.13 27.71
N VAL B 271 16.76 -5.00 28.40
CA VAL B 271 15.68 -4.70 29.33
C VAL B 271 15.02 -3.39 28.87
N TYR B 272 13.69 -3.36 28.91
CA TYR B 272 12.91 -2.21 28.50
C TYR B 272 12.49 -1.43 29.72
N LEU B 273 12.72 -0.12 29.69
CA LEU B 273 12.44 0.76 30.81
C LEU B 273 11.61 1.91 30.30
N VAL B 274 10.33 1.93 30.64
CA VAL B 274 9.40 2.86 30.05
C VAL B 274 8.77 3.74 31.11
N PRO B 275 9.17 5.02 31.18
CA PRO B 275 8.60 5.94 32.13
C PRO B 275 7.24 6.45 31.68
N ARG B 276 6.26 6.44 32.56
CA ARG B 276 5.01 7.12 32.28
C ARG B 276 5.07 8.48 32.93
N THR B 277 4.18 9.36 32.51
CA THR B 277 4.18 10.74 32.97
C THR B 277 3.89 10.89 34.49
N ASP B 278 3.10 9.96 35.04
CA ASP B 278 2.69 9.99 36.45
C ASP B 278 3.70 9.40 37.44
N GLY B 279 4.91 9.04 37.00
CA GLY B 279 5.91 8.48 37.89
C GLY B 279 6.06 6.97 37.81
N GLU B 280 5.11 6.28 37.16
CA GLU B 280 5.27 4.85 36.91
C GLU B 280 6.45 4.60 35.98
N LEU B 281 7.18 3.52 36.23
CA LEU B 281 8.32 3.13 35.41
C LEU B 281 8.22 1.66 35.15
N VAL B 282 7.92 1.29 33.92
CA VAL B 282 7.73 -0.10 33.56
C VAL B 282 9.08 -0.73 33.31
N VAL B 283 9.25 -1.98 33.74
CA VAL B 283 10.47 -2.74 33.56
C VAL B 283 10.14 -4.16 33.05
N GLY B 284 10.43 -4.40 31.78
CA GLY B 284 10.20 -5.68 31.16
C GLY B 284 11.38 -6.07 30.30
N ALA B 285 11.49 -7.33 29.90
CA ALA B 285 10.56 -8.36 30.27
C ALA B 285 11.26 -9.71 30.18
N THR B 286 10.75 -10.72 30.90
CA THR B 286 11.27 -12.07 30.73
C THR B 286 10.65 -12.66 29.50
N TYR B 287 11.35 -13.53 28.80
CA TYR B 287 10.78 -14.29 27.69
C TYR B 287 10.98 -15.76 28.02
N GLU B 288 9.87 -16.52 28.13
CA GLU B 288 9.90 -17.85 28.71
C GLU B 288 8.95 -18.77 27.98
N GLU B 289 9.29 -20.05 27.92
CA GLU B 289 8.46 -21.05 27.30
C GLU B 289 7.85 -21.86 28.44
N ARG B 290 6.70 -21.41 28.93
CA ARG B 290 6.00 -22.05 30.04
C ARG B 290 4.55 -22.29 29.75
N ASP B 291 4.25 -22.59 28.50
CA ASP B 291 2.85 -22.76 28.10
C ASP B 291 1.99 -21.61 28.59
N TYR B 292 0.87 -21.90 29.23
CA TYR B 292 -0.13 -20.87 29.54
C TYR B 292 0.00 -20.33 30.96
N ASP B 293 1.04 -20.75 31.67
CA ASP B 293 1.26 -20.29 33.04
C ASP B 293 1.58 -18.79 33.05
N THR B 294 0.95 -18.07 33.97
CA THR B 294 1.17 -16.64 34.15
C THR B 294 1.52 -16.35 35.61
N THR B 295 2.15 -17.29 36.28
CA THR B 295 2.57 -17.09 37.65
C THR B 295 3.73 -16.11 37.68
N VAL B 296 3.67 -15.14 38.58
CA VAL B 296 4.80 -14.25 38.83
C VAL B 296 5.70 -14.99 39.79
N THR B 297 6.95 -15.23 39.40
CA THR B 297 7.86 -16.10 40.15
C THR B 297 9.06 -15.36 40.73
N ALA B 298 9.64 -15.96 41.76
CA ALA B 298 10.83 -15.44 42.39
C ALA B 298 11.96 -15.28 41.35
N GLY B 299 12.13 -16.31 40.52
CA GLY B 299 13.12 -16.28 39.44
C GLY B 299 12.93 -15.10 38.48
N GLY B 300 11.70 -14.91 38.01
CA GLY B 300 11.42 -13.84 37.06
C GLY B 300 11.62 -12.44 37.64
N VAL B 301 11.07 -12.20 38.81
CA VAL B 301 11.16 -10.89 39.40
C VAL B 301 12.62 -10.57 39.74
N ALA B 302 13.38 -11.59 40.17
CA ALA B 302 14.80 -11.41 40.44
C ALA B 302 15.57 -11.06 39.16
N GLU B 303 15.26 -11.76 38.07
CA GLU B 303 15.85 -11.42 36.79
C GLU B 303 15.66 -9.93 36.43
N LEU B 304 14.43 -9.44 36.54
CA LEU B 304 14.11 -8.11 36.10
C LEU B 304 14.74 -7.05 37.00
N LEU B 305 14.63 -7.23 38.31
CA LEU B 305 15.22 -6.31 39.26
C LEU B 305 16.75 -6.25 39.13
N GLY B 306 17.37 -7.41 38.90
CA GLY B 306 18.79 -7.49 38.60
C GLY B 306 19.22 -6.62 37.42
N LYS B 307 18.48 -6.69 36.32
CA LYS B 307 18.78 -5.87 35.15
C LYS B 307 18.59 -4.39 35.38
N VAL B 308 17.48 -4.00 36.00
CA VAL B 308 17.19 -2.57 36.14
C VAL B 308 18.20 -1.94 37.11
N LEU B 309 18.51 -2.63 38.20
CA LEU B 309 19.41 -2.06 39.19
C LEU B 309 20.86 -2.02 38.71
N ALA B 310 21.25 -2.97 37.87
CA ALA B 310 22.57 -2.94 37.23
C ALA B 310 22.78 -1.71 36.35
N VAL B 311 21.74 -1.26 35.65
CA VAL B 311 21.89 -0.10 34.76
C VAL B 311 21.29 1.18 35.30
N LEU B 312 20.42 1.09 36.30
CA LEU B 312 19.88 2.25 37.00
C LEU B 312 20.03 2.02 38.48
N PRO B 313 21.25 2.23 39.01
CA PRO B 313 21.53 1.89 40.42
C PRO B 313 20.69 2.71 41.39
N GLY B 314 20.31 3.91 40.99
CA GLY B 314 19.42 4.74 41.81
C GLY B 314 18.00 4.21 41.91
N ALA B 315 17.66 3.24 41.07
CA ALA B 315 16.31 2.64 41.10
C ALA B 315 16.04 1.79 42.35
N ALA B 316 17.09 1.56 43.14
CA ALA B 316 17.01 0.79 44.38
C ALA B 316 15.93 1.26 45.33
N GLU B 317 15.72 2.57 45.43
CA GLU B 317 14.73 3.12 46.37
C GLU B 317 13.35 3.36 45.76
N LEU B 318 13.18 3.13 44.47
CA LEU B 318 11.86 3.26 43.90
C LEU B 318 10.94 2.17 44.44
N GLU B 319 9.68 2.53 44.65
CA GLU B 319 8.68 1.59 45.13
C GLU B 319 8.42 0.52 44.07
N LEU B 320 8.43 -0.74 44.47
CA LEU B 320 7.92 -1.80 43.60
C LEU B 320 6.42 -1.82 43.71
N ALA B 321 5.73 -1.33 42.69
CA ALA B 321 4.27 -1.14 42.77
C ALA B 321 3.48 -2.31 42.21
N GLU B 322 4.02 -3.00 41.21
CA GLU B 322 3.26 -4.05 40.55
C GLU B 322 4.22 -5.06 39.95
N THR B 323 3.79 -6.33 39.95
CA THR B 323 4.42 -7.38 39.20
C THR B 323 3.32 -8.11 38.43
N ALA B 324 3.59 -8.53 37.20
CA ALA B 324 2.59 -9.22 36.42
C ALA B 324 3.21 -10.18 35.43
N ALA B 325 2.35 -10.91 34.73
CA ALA B 325 2.82 -11.81 33.71
C ALA B 325 1.74 -11.98 32.66
N GLY B 326 2.18 -12.12 31.40
CA GLY B 326 1.27 -12.27 30.28
C GLY B 326 1.81 -13.25 29.25
N LEU B 327 0.95 -13.60 28.30
CA LEU B 327 1.33 -14.53 27.25
C LEU B 327 1.42 -13.83 25.91
N ARG B 328 2.60 -13.85 25.30
CA ARG B 328 2.77 -13.37 23.94
C ARG B 328 2.19 -14.40 22.99
N PRO B 329 1.43 -13.94 21.98
CA PRO B 329 0.96 -14.85 20.95
C PRO B 329 2.01 -15.14 19.87
N GLY B 330 2.48 -16.38 19.82
CA GLY B 330 3.52 -16.78 18.88
C GLY B 330 2.96 -17.39 17.62
N SER B 331 3.83 -18.06 16.89
CA SER B 331 3.50 -18.69 15.63
C SER B 331 4.64 -19.65 15.28
N PRO B 332 4.33 -20.72 14.52
CA PRO B 332 5.34 -21.75 14.24
C PRO B 332 6.68 -21.21 13.73
N ASP B 333 6.67 -20.10 12.99
CA ASP B 333 7.89 -19.47 12.46
C ASP B 333 8.21 -18.08 13.06
N GLY B 334 7.48 -17.69 14.11
CA GLY B 334 7.79 -16.45 14.85
C GLY B 334 7.29 -15.15 14.25
N LEU B 335 6.59 -15.23 13.12
CA LEU B 335 6.10 -14.05 12.41
C LEU B 335 4.58 -13.99 12.50
N PRO B 336 4.00 -12.78 12.34
CA PRO B 336 2.56 -12.57 12.40
C PRO B 336 1.77 -13.42 11.41
N VAL B 337 0.51 -13.63 11.73
CA VAL B 337 -0.40 -14.46 10.94
C VAL B 337 -1.64 -13.62 10.59
N LEU B 338 -1.68 -13.14 9.34
CA LEU B 338 -2.64 -12.15 8.89
C LEU B 338 -3.24 -12.57 7.56
N GLY B 339 -4.57 -12.42 7.42
CA GLY B 339 -5.24 -12.67 6.15
C GLY B 339 -6.28 -13.78 6.20
N TRP B 340 -6.63 -14.31 5.04
CA TRP B 340 -7.69 -15.33 4.95
C TRP B 340 -7.17 -16.71 5.30
N THR B 341 -8.06 -17.51 5.88
CA THR B 341 -7.80 -18.93 6.05
C THR B 341 -8.33 -19.65 4.82
N ALA B 342 -8.13 -20.95 4.77
CA ALA B 342 -8.77 -21.80 3.77
C ALA B 342 -10.27 -21.87 3.98
N VAL B 343 -10.74 -21.48 5.17
CA VAL B 343 -12.18 -21.46 5.45
C VAL B 343 -12.76 -20.14 4.95
N PRO B 344 -13.77 -20.22 4.09
CA PRO B 344 -14.22 -18.99 3.44
C PRO B 344 -14.77 -17.98 4.45
N ASN B 345 -14.44 -16.71 4.24
CA ASN B 345 -14.88 -15.61 5.09
C ASN B 345 -14.37 -15.68 6.53
N LEU B 346 -13.35 -16.50 6.75
CA LEU B 346 -12.72 -16.61 8.05
C LEU B 346 -11.29 -16.09 7.94
N LEU B 347 -11.06 -14.95 8.57
CA LEU B 347 -9.73 -14.35 8.61
C LEU B 347 -9.10 -14.48 10.00
N VAL B 348 -7.79 -14.28 10.06
CA VAL B 348 -7.07 -14.21 11.34
C VAL B 348 -6.17 -12.98 11.38
N ALA B 349 -5.82 -12.59 12.60
CA ALA B 349 -4.97 -11.43 12.82
C ALA B 349 -4.32 -11.63 14.16
N THR B 350 -3.20 -12.33 14.16
CA THR B 350 -2.54 -12.71 15.39
C THR B 350 -1.10 -13.13 15.19
N GLY B 351 -0.45 -13.51 16.27
CA GLY B 351 0.93 -14.00 16.24
C GLY B 351 1.96 -12.89 16.23
N HIS B 352 1.61 -11.75 16.81
CA HIS B 352 2.50 -10.57 16.86
C HIS B 352 3.54 -10.66 17.96
N SER B 353 3.41 -11.69 18.79
CA SER B 353 4.44 -12.04 19.75
C SER B 353 4.99 -10.84 20.57
N ARG B 354 6.21 -10.41 20.29
CA ARG B 354 6.92 -9.45 21.15
C ARG B 354 6.59 -8.01 20.85
N ILE B 355 5.82 -7.75 19.79
CA ILE B 355 5.66 -6.39 19.26
C ILE B 355 4.26 -6.02 18.74
N GLY B 356 3.22 -6.64 19.27
CA GLY B 356 1.84 -6.37 18.84
C GLY B 356 1.35 -4.96 19.11
N VAL B 357 1.81 -4.34 20.19
CA VAL B 357 1.44 -2.96 20.43
C VAL B 357 2.00 -2.11 19.29
N GLN B 358 3.25 -2.36 18.94
CA GLN B 358 3.94 -1.69 17.86
C GLN B 358 3.25 -1.92 16.50
N LEU B 359 2.92 -3.17 16.22
CA LEU B 359 2.27 -3.53 14.94
C LEU B 359 0.77 -3.27 14.90
N ALA B 360 0.16 -2.88 16.01
CA ALA B 360 -1.30 -2.74 16.05
C ALA B 360 -1.90 -1.86 14.94
N PRO B 361 -1.37 -0.63 14.76
CA PRO B 361 -1.94 0.21 13.70
C PRO B 361 -1.87 -0.39 12.29
N ILE B 362 -0.68 -0.75 11.83
CA ILE B 362 -0.57 -1.33 10.49
C ILE B 362 -1.44 -2.57 10.33
N THR B 363 -1.53 -3.39 11.37
CA THR B 363 -2.34 -4.58 11.30
C THR B 363 -3.78 -4.17 11.07
N ALA B 364 -4.18 -3.07 11.72
CA ALA B 364 -5.56 -2.59 11.62
C ALA B 364 -5.83 -2.07 10.20
N ASP B 365 -4.96 -1.20 9.71
CA ASP B 365 -5.06 -0.71 8.34
C ASP B 365 -5.14 -1.91 7.38
N VAL B 366 -4.20 -2.83 7.50
CA VAL B 366 -4.13 -3.95 6.58
C VAL B 366 -5.40 -4.76 6.57
N MET B 367 -5.93 -5.12 7.75
CA MET B 367 -7.15 -5.94 7.79
C MET B 367 -8.38 -5.17 7.28
N GLY B 368 -8.39 -3.86 7.50
CA GLY B 368 -9.43 -3.02 6.93
C GLY B 368 -9.53 -3.24 5.43
N GLU B 369 -8.46 -2.86 4.74
CA GLU B 369 -8.26 -3.13 3.32
C GLU B 369 -8.74 -4.53 2.91
N MET B 370 -8.20 -5.56 3.55
CA MET B 370 -8.58 -6.92 3.20
C MET B 370 -10.09 -7.14 3.23
N LEU B 371 -10.74 -6.70 4.31
CA LEU B 371 -12.17 -6.88 4.46
C LEU B 371 -12.95 -6.15 3.36
N VAL B 372 -12.58 -4.90 3.11
CA VAL B 372 -13.23 -4.06 2.13
C VAL B 372 -12.95 -4.48 0.68
N THR B 373 -11.67 -4.66 0.34
CA THR B 373 -11.27 -4.86 -1.04
C THR B 373 -11.25 -6.29 -1.49
N GLY B 374 -11.04 -7.22 -0.56
CA GLY B 374 -10.85 -8.63 -0.91
C GLY B 374 -9.41 -8.95 -1.29
N ARG B 375 -8.57 -7.93 -1.37
CA ARG B 375 -7.18 -8.13 -1.75
C ARG B 375 -6.26 -7.83 -0.58
N THR B 376 -5.03 -8.34 -0.68
CA THR B 376 -4.07 -8.34 0.39
C THR B 376 -3.02 -7.30 0.08
N PRO B 377 -2.96 -6.23 0.88
CA PRO B 377 -1.93 -5.22 0.59
C PRO B 377 -0.54 -5.86 0.52
N GLU B 378 0.31 -5.31 -0.32
CA GLU B 378 1.65 -5.88 -0.58
C GLU B 378 2.44 -6.12 0.71
N VAL B 379 2.42 -5.16 1.62
CA VAL B 379 3.24 -5.22 2.84
C VAL B 379 2.88 -6.42 3.75
N ALA B 380 1.68 -6.96 3.57
CA ALA B 380 1.18 -8.06 4.37
C ALA B 380 1.29 -9.43 3.71
N LYS B 381 1.60 -9.47 2.42
CA LYS B 381 1.67 -10.75 1.70
C LYS B 381 2.55 -11.80 2.40
N ALA B 382 3.67 -11.38 2.97
CA ALA B 382 4.59 -12.30 3.63
C ALA B 382 3.98 -13.07 4.82
N PHE B 383 2.84 -12.61 5.32
CA PHE B 383 2.28 -13.14 6.57
C PHE B 383 0.97 -13.87 6.36
N ALA B 384 0.75 -14.34 5.14
CA ALA B 384 -0.46 -15.11 4.84
C ALA B 384 -0.50 -16.36 5.69
N VAL B 385 -1.70 -16.76 6.06
CA VAL B 385 -1.94 -17.99 6.81
C VAL B 385 -1.44 -19.20 6.05
N ASP B 386 -1.63 -19.20 4.74
CA ASP B 386 -1.40 -20.38 3.91
C ASP B 386 0.07 -20.80 3.82
N ARG B 387 0.99 -19.97 4.30
CA ARG B 387 2.42 -20.30 4.25
C ARG B 387 2.85 -21.56 5.04
N PHE B 388 1.94 -22.19 5.78
CA PHE B 388 2.28 -23.37 6.59
C PHE B 388 1.74 -24.68 5.99
PA FAD C . -6.62 12.04 -21.59
O1A FAD C . -6.86 10.67 -22.17
O2A FAD C . -6.01 13.12 -22.44
O5B FAD C . -8.02 12.51 -21.01
C5B FAD C . -8.20 13.83 -20.53
C4B FAD C . -9.70 14.06 -20.59
O4B FAD C . -10.01 15.30 -19.95
C3B FAD C . -10.26 14.12 -22.01
O3B FAD C . -11.31 13.13 -22.20
C2B FAD C . -10.77 15.57 -22.11
O2B FAD C . -11.98 15.69 -22.87
C1B FAD C . -11.02 15.95 -20.67
N9A FAD C . -10.96 17.41 -20.44
C8A FAD C . -10.03 18.26 -20.85
N7A FAD C . -10.33 19.51 -20.42
C5A FAD C . -11.43 19.46 -19.69
C6A FAD C . -12.27 20.41 -18.98
N6A FAD C . -11.96 21.70 -18.94
N1A FAD C . -13.37 19.97 -18.34
C2A FAD C . -13.70 18.67 -18.39
N3A FAD C . -12.99 17.75 -19.03
C4A FAD C . -11.86 18.07 -19.69
N1 FAD C . 0.11 4.47 -22.53
C2 FAD C . 0.36 3.19 -22.25
O2 FAD C . 0.28 2.86 -21.05
N3 FAD C . 0.66 2.32 -23.23
C4 FAD C . 0.75 2.68 -24.52
O4 FAD C . 1.04 1.91 -25.43
C4X FAD C . 0.48 4.05 -24.90
N5 FAD C . 0.54 4.47 -26.17
C5X FAD C . 0.30 5.77 -26.45
C6 FAD C . 0.36 6.21 -27.76
C7 FAD C . 0.10 7.53 -28.06
C7M FAD C . 0.16 7.99 -29.49
C8 FAD C . -0.24 8.49 -27.00
C8M FAD C . -0.53 9.92 -27.35
C9 FAD C . -0.30 8.07 -25.69
C9A FAD C . -0.05 6.74 -25.36
N10 FAD C . -0.12 6.26 -24.02
C10 FAD C . 0.16 4.94 -23.78
C1' FAD C . -0.36 7.08 -22.84
C2' FAD C . -1.77 7.23 -22.50
O2' FAD C . -2.46 7.36 -23.73
C3' FAD C . -1.83 8.49 -21.66
O3' FAD C . -0.76 8.56 -20.72
C4' FAD C . -3.16 8.48 -20.95
O4' FAD C . -4.13 8.55 -21.96
C5' FAD C . -3.34 9.70 -20.09
O5' FAD C . -4.75 9.78 -19.98
P FAD C . -5.50 10.88 -19.14
O1P FAD C . -6.77 10.18 -18.73
O2P FAD C . -4.59 11.52 -18.15
O3P FAD C . -5.75 12.03 -20.22
PA FAD D . -4.04 -10.37 23.79
O1A FAD D . -3.65 -8.96 24.26
O2A FAD D . -3.54 -11.54 24.60
O5B FAD D . -5.63 -10.43 23.60
C5B FAD D . -6.26 -11.69 23.30
C4B FAD D . -7.70 -11.59 23.75
O4B FAD D . -8.44 -12.74 23.30
C3B FAD D . -7.83 -11.56 25.28
O3B FAD D . -8.34 -10.30 25.71
C2B FAD D . -8.78 -12.70 25.62
O2B FAD D . -9.79 -12.38 26.58
C1B FAD D . -9.42 -13.01 24.29
N9A FAD D . -9.90 -14.40 24.21
C8A FAD D . -9.22 -15.50 24.50
N7A FAD D . -10.00 -16.58 24.32
C5A FAD D . -11.21 -16.17 23.91
C6A FAD D . -12.49 -16.79 23.55
N6A FAD D . -12.63 -18.13 23.59
N1A FAD D . -13.50 -15.97 23.16
C2A FAD D . -13.38 -14.62 23.13
N3A FAD D . -12.24 -14.00 23.45
C4A FAD D . -11.14 -14.71 23.83
N1 FAD D . 4.75 -5.17 22.42
C2 FAD D . 5.31 -3.99 22.08
O2 FAD D . 5.10 -3.55 20.93
N3 FAD D . 6.06 -3.25 22.94
C4 FAD D . 6.32 -3.66 24.17
O4 FAD D . 7.03 -2.98 24.96
C4X FAD D . 5.76 -4.95 24.61
N5 FAD D . 5.98 -5.41 25.85
C5X FAD D . 5.47 -6.57 26.25
C6 FAD D . 5.73 -7.02 27.54
C7 FAD D . 5.20 -8.22 27.99
C7M FAD D . 5.49 -8.70 29.39
C8 FAD D . 4.38 -9.02 27.10
C8M FAD D . 3.83 -10.33 27.59
C9 FAD D . 4.11 -8.59 25.82
C9A FAD D . 4.62 -7.39 25.34
N10 FAD D . 4.36 -6.91 24.03
C10 FAD D . 4.93 -5.69 23.65
C1' FAD D . 3.60 -7.67 23.05
C2' FAD D . 2.14 -7.25 22.94
O2' FAD D . 1.72 -6.78 24.21
C3' FAD D . 1.30 -8.45 22.45
O3' FAD D . 1.87 -9.07 21.28
C4' FAD D . -0.09 -7.96 22.13
O4' FAD D . -0.65 -7.50 23.36
C5' FAD D . -0.96 -9.02 21.50
O5' FAD D . -2.30 -8.55 21.40
P FAD D . -3.47 -9.63 21.11
O1P FAD D . -4.73 -8.85 21.17
O2P FAD D . -3.07 -10.49 19.93
O3P FAD D . -3.51 -10.69 22.32
#